data_7ZHY
#
_entry.id   7ZHY
#
_cell.length_a   223.170
_cell.length_b   65.690
_cell.length_c   119.930
_cell.angle_alpha   90.000
_cell.angle_beta   120.750
_cell.angle_gamma   90.000
#
_symmetry.space_group_name_H-M   'C 1 2 1'
#
loop_
_entity.id
_entity.type
_entity.pdbx_description
1 polymer 'Glucose-6-phosphate 1-dehydrogenase'
2 non-polymer 'NADPH DIHYDRO-NICOTINAMIDE-ADENINE-DINUCLEOTIDE PHOSPHATE'
3 non-polymer 1,2-ETHANEDIOL
4 non-polymer 'SULFATE ION'
5 non-polymer DI(HYDROXYETHYL)ETHER
6 non-polymer 'TRIETHYLENE GLYCOL'
7 water water
#
_entity_poly.entity_id   1
_entity_poly.type   'polypeptide(L)'
_entity_poly.pdbx_seq_one_letter_code
;MSEEQSHADQDAYVADVDGILDVLRAQVLERKPDDIFQFISKSALSLQKDRGAESCDRINCKVKDEQKSRALTIIVFGAS
GDLAKKKTFPALFDLYCGGLLPPEVNIIGYARTKVDDVEKWKHETLMKYFSNLSERGSHAEDFLKHISYFCGAYDSVDDF
KRLDAVIREKENAFKGPEKGGNRLFYLALPPSVFASVCESIHKGAMPQEVGGWVRVIIEKPFGRDTKSSAELSQALEPFF
DESQLYRIDHYLGKEMVQNIITTRFANRIFSAVWNASNIACVQITFKETIGTEGRGGYFDNIGIIRDVMQNHLTQILALL
AMEKPRSLDAECIRDEKVSVLKCIEPITKENCVLGQYTASADGSIPGYLEDVTVPEGSTCPTFAVMRLNINNDRWAGVPF
ILKAGKAVEQKYVAIRIQFRDEVHPYGEATQRNELVIRAQPSEAMYVKITTKVPGLSGDLRQTHQTELDLTYHTRYDVRL
PDAYESLINDALLGNSTNFVRKDELDVAWRIFTPLLHQIDSGEIKPIPYQAGTRGPKEADEFIANNGFKHQKGYHWLPSN
KL
;
_entity_poly.pdbx_strand_id   A,B
#
# COMPACT_ATOMS: atom_id res chain seq x y z
N HIS A 7 31.33 38.57 -5.70
CA HIS A 7 31.07 38.08 -4.35
C HIS A 7 32.04 36.99 -3.93
N ALA A 8 31.97 36.65 -2.64
CA ALA A 8 32.38 35.34 -2.15
C ALA A 8 31.18 34.51 -1.72
N ASP A 9 29.98 35.12 -1.66
CA ASP A 9 28.76 34.40 -1.39
C ASP A 9 28.41 33.42 -2.49
N GLN A 10 28.93 33.62 -3.71
CA GLN A 10 28.75 32.65 -4.77
C GLN A 10 29.31 31.28 -4.35
N ASP A 11 30.42 31.27 -3.60
CA ASP A 11 30.95 30.01 -3.10
C ASP A 11 30.10 29.45 -1.96
N ALA A 12 29.30 30.29 -1.30
CA ALA A 12 28.39 29.82 -0.25
C ALA A 12 27.08 29.29 -0.83
N TYR A 13 26.55 29.96 -1.85
CA TYR A 13 25.37 29.47 -2.55
C TYR A 13 25.64 28.12 -3.19
N VAL A 14 26.78 27.98 -3.88
CA VAL A 14 27.18 26.70 -4.44
C VAL A 14 27.32 25.65 -3.33
N ALA A 15 27.90 26.05 -2.19
CA ALA A 15 28.12 25.12 -1.09
C ALA A 15 26.80 24.61 -0.53
N ASP A 16 25.83 25.51 -0.34
CA ASP A 16 24.51 25.07 0.12
C ASP A 16 23.85 24.16 -0.91
N VAL A 17 23.68 24.65 -2.14
CA VAL A 17 23.10 23.86 -3.22
C VAL A 17 23.67 22.46 -3.20
N ASP A 18 25.00 22.34 -3.29
CA ASP A 18 25.61 21.02 -3.24
C ASP A 18 25.23 20.29 -1.96
N GLY A 19 24.91 21.04 -0.90
CA GLY A 19 24.47 20.41 0.34
C GLY A 19 23.08 19.79 0.24
N ILE A 20 22.09 20.58 -0.20
CA ILE A 20 20.77 20.00 -0.43
C ILE A 20 20.84 18.81 -1.39
N LEU A 21 21.51 18.99 -2.53
CA LEU A 21 21.54 17.89 -3.51
C LEU A 21 22.23 16.62 -3.00
N ASP A 22 23.26 16.72 -2.15
CA ASP A 22 23.83 15.46 -1.67
C ASP A 22 22.90 14.76 -0.68
N VAL A 23 22.17 15.52 0.13
CA VAL A 23 21.23 14.90 1.06
C VAL A 23 20.07 14.26 0.29
N LEU A 24 19.56 14.96 -0.73
CA LEU A 24 18.56 14.36 -1.61
C LEU A 24 19.10 13.10 -2.29
N ARG A 25 20.35 13.16 -2.77
CA ARG A 25 20.94 11.98 -3.40
C ARG A 25 20.92 10.78 -2.45
N ALA A 26 21.33 10.98 -1.20
CA ALA A 26 21.39 9.87 -0.25
C ALA A 26 20.00 9.33 0.07
N GLN A 27 19.01 10.23 0.18
CA GLN A 27 17.63 9.79 0.42
C GLN A 27 17.08 8.98 -0.75
N VAL A 28 17.26 9.49 -1.98
CA VAL A 28 16.77 8.76 -3.14
C VAL A 28 17.46 7.42 -3.27
N LEU A 29 18.76 7.37 -2.98
CA LEU A 29 19.50 6.12 -3.13
C LEU A 29 19.14 5.11 -2.05
N GLU A 30 18.58 5.57 -0.93
CA GLU A 30 18.11 4.63 0.10
C GLU A 30 16.74 4.04 -0.26
N ARG A 31 15.78 4.91 -0.60
CA ARG A 31 14.42 4.46 -0.94
C ARG A 31 14.38 3.78 -2.31
N LYS A 32 15.24 4.21 -3.22
CA LYS A 32 15.30 3.70 -4.59
C LYS A 32 13.93 3.57 -5.28
N PRO A 33 13.08 4.60 -5.20
CA PRO A 33 11.79 4.52 -5.90
C PRO A 33 12.01 4.47 -7.40
N ASP A 34 11.13 3.75 -8.10
CA ASP A 34 11.13 3.90 -9.55
C ASP A 34 10.73 5.32 -9.94
N ASP A 35 9.91 5.98 -9.12
CA ASP A 35 9.45 7.35 -9.39
C ASP A 35 10.41 8.35 -8.75
N ILE A 36 11.57 8.53 -9.39
CA ILE A 36 12.59 9.42 -8.84
C ILE A 36 12.07 10.86 -8.76
N PHE A 37 11.38 11.33 -9.81
CA PHE A 37 11.03 12.75 -9.86
C PHE A 37 10.14 13.17 -8.70
N GLN A 38 9.06 12.42 -8.44
CA GLN A 38 8.18 12.84 -7.36
C GLN A 38 8.81 12.61 -5.99
N PHE A 39 9.66 11.60 -5.86
CA PHE A 39 10.36 11.43 -4.58
C PHE A 39 11.30 12.60 -4.32
N ILE A 40 12.05 13.04 -5.33
CA ILE A 40 12.89 14.23 -5.18
C ILE A 40 12.05 15.42 -4.81
N SER A 41 10.88 15.57 -5.46
CA SER A 41 10.04 16.73 -5.22
C SER A 41 9.59 16.80 -3.76
N LYS A 42 9.07 15.69 -3.21
CA LYS A 42 8.52 15.77 -1.87
C LYS A 42 9.64 15.95 -0.83
N SER A 43 10.78 15.28 -1.05
CA SER A 43 11.86 15.32 -0.06
C SER A 43 12.47 16.71 0.04
N ALA A 44 12.46 17.46 -1.07
CA ALA A 44 12.92 18.85 -1.04
C ALA A 44 11.92 19.74 -0.31
N LEU A 45 10.61 19.52 -0.54
CA LEU A 45 9.58 20.22 0.21
C LEU A 45 9.69 19.93 1.70
N SER A 46 10.02 18.70 2.05
CA SER A 46 10.12 18.30 3.45
C SER A 46 11.44 18.74 4.09
N LEU A 47 12.52 18.87 3.31
CA LEU A 47 13.77 19.37 3.88
C LEU A 47 13.66 20.85 4.20
N GLN A 48 12.83 21.57 3.46
CA GLN A 48 12.48 22.95 3.79
C GLN A 48 11.69 23.02 5.09
N LYS A 49 10.87 22.00 5.37
CA LYS A 49 10.16 21.91 6.65
C LYS A 49 11.13 21.97 7.81
N ASP A 50 12.17 21.12 7.77
CA ASP A 50 13.17 21.10 8.83
C ASP A 50 14.02 22.36 8.83
N ARG A 51 14.20 22.97 7.65
CA ARG A 51 15.02 24.18 7.48
C ARG A 51 14.65 25.29 8.47
N ASP A 65 -2.78 20.24 31.79
CA ASP A 65 -2.59 20.79 33.13
C ASP A 65 -2.69 19.72 34.21
N GLU A 66 -2.74 18.46 33.79
CA GLU A 66 -2.69 17.37 34.75
C GLU A 66 -1.38 17.42 35.54
N GLN A 67 -0.32 17.95 34.93
CA GLN A 67 1.05 17.74 35.39
C GLN A 67 1.70 18.98 36.01
N LYS A 68 1.17 20.18 35.76
CA LYS A 68 1.60 21.35 36.53
C LYS A 68 0.86 21.42 37.87
N SER A 69 0.05 20.41 38.18
CA SER A 69 -0.72 20.48 39.41
C SER A 69 0.11 20.22 40.66
N ARG A 70 1.23 19.48 40.58
CA ARG A 70 2.02 19.18 41.77
C ARG A 70 3.49 19.52 41.56
N ALA A 71 4.17 19.92 42.66
CA ALA A 71 5.62 20.05 42.65
C ALA A 71 6.28 18.79 42.07
N LEU A 72 7.38 18.99 41.35
CA LEU A 72 8.16 17.89 40.79
C LEU A 72 9.64 18.10 41.08
N THR A 73 10.28 17.08 41.62
CA THR A 73 11.72 17.11 41.85
C THR A 73 12.32 15.92 41.14
N ILE A 74 13.40 16.15 40.39
CA ILE A 74 14.14 15.10 39.71
C ILE A 74 15.52 15.04 40.35
N ILE A 75 15.88 13.88 40.89
CA ILE A 75 17.17 13.68 41.55
C ILE A 75 17.98 12.70 40.69
N VAL A 76 19.12 13.16 40.18
CA VAL A 76 19.95 12.36 39.30
C VAL A 76 21.17 11.94 40.11
N PHE A 77 21.16 10.69 40.58
CA PHE A 77 22.34 10.14 41.24
C PHE A 77 23.45 9.83 40.22
N GLY A 78 24.69 9.93 40.68
CA GLY A 78 25.79 9.75 39.76
C GLY A 78 25.94 10.92 38.82
N ALA A 79 25.51 12.09 39.26
CA ALA A 79 25.43 13.24 38.37
C ALA A 79 26.79 13.70 37.86
N SER A 80 27.89 13.22 38.46
CA SER A 80 29.23 13.52 37.98
C SER A 80 29.62 12.68 36.76
N GLY A 81 28.83 11.65 36.42
CA GLY A 81 29.28 10.63 35.50
C GLY A 81 29.04 10.94 34.03
N ASP A 82 29.52 10.02 33.20
CA ASP A 82 29.45 10.16 31.75
C ASP A 82 28.01 10.25 31.26
N LEU A 83 27.16 9.32 31.68
CA LEU A 83 25.79 9.29 31.19
C LEU A 83 25.03 10.55 31.61
N ALA A 84 25.19 10.97 32.88
CA ALA A 84 24.42 12.10 33.38
C ALA A 84 24.73 13.37 32.59
N LYS A 85 26.02 13.69 32.40
CA LYS A 85 26.34 14.96 31.75
C LYS A 85 26.19 14.92 30.24
N LYS A 86 26.42 13.77 29.61
CA LYS A 86 26.29 13.70 28.16
C LYS A 86 24.88 13.35 27.69
N LYS A 87 24.11 12.57 28.45
CA LYS A 87 22.77 12.22 27.95
C LYS A 87 21.64 12.68 28.86
N THR A 88 21.74 12.49 30.19
CA THR A 88 20.55 12.70 31.02
C THR A 88 20.22 14.18 31.17
N PHE A 89 21.16 14.98 31.65
CA PHE A 89 20.87 16.42 31.76
C PHE A 89 20.51 17.04 30.41
N PRO A 90 21.22 16.75 29.30
CA PRO A 90 20.76 17.30 28.00
C PRO A 90 19.36 16.86 27.61
N ALA A 91 18.95 15.64 27.95
CA ALA A 91 17.58 15.24 27.62
C ALA A 91 16.57 15.99 28.49
N LEU A 92 16.90 16.21 29.77
CA LEU A 92 16.06 17.05 30.60
C LEU A 92 16.00 18.47 30.04
N PHE A 93 17.13 18.98 29.55
CA PHE A 93 17.13 20.28 28.88
C PHE A 93 16.16 20.30 27.69
N ASP A 94 16.21 19.26 26.84
CA ASP A 94 15.32 19.23 25.68
C ASP A 94 13.86 19.14 26.10
N LEU A 95 13.57 18.32 27.11
CA LEU A 95 12.20 18.29 27.63
C LEU A 95 11.80 19.64 28.17
N TYR A 96 12.71 20.31 28.88
CA TYR A 96 12.43 21.67 29.37
C TYR A 96 12.07 22.61 28.22
N CYS A 97 12.94 22.68 27.19
CA CYS A 97 12.70 23.58 26.07
C CYS A 97 11.43 23.23 25.32
N GLY A 98 11.08 21.94 25.25
CA GLY A 98 9.83 21.53 24.67
C GLY A 98 8.64 21.74 25.56
N GLY A 99 8.84 22.34 26.74
CA GLY A 99 7.72 22.57 27.64
C GLY A 99 7.05 21.31 28.12
N LEU A 100 7.79 20.22 28.26
CA LEU A 100 7.28 18.98 28.80
C LEU A 100 7.62 18.79 30.27
N LEU A 101 8.44 19.67 30.85
CA LEU A 101 8.62 19.73 32.30
C LEU A 101 7.74 20.82 32.87
N PRO A 102 7.19 20.63 34.07
CA PRO A 102 6.40 21.70 34.68
C PRO A 102 7.27 22.91 34.97
N PRO A 103 6.70 24.11 34.92
CA PRO A 103 7.54 25.32 35.02
C PRO A 103 8.33 25.46 36.32
N GLU A 104 7.88 24.86 37.42
CA GLU A 104 8.58 24.97 38.71
C GLU A 104 9.44 23.74 39.04
N VAL A 105 9.80 22.95 38.04
CA VAL A 105 10.56 21.72 38.30
C VAL A 105 11.90 22.05 38.95
N ASN A 106 12.30 21.22 39.91
CA ASN A 106 13.59 21.33 40.55
C ASN A 106 14.38 20.05 40.29
N ILE A 107 15.62 20.22 39.85
CA ILE A 107 16.50 19.13 39.47
C ILE A 107 17.71 19.17 40.39
N ILE A 108 18.01 18.03 41.04
CA ILE A 108 19.15 17.95 41.95
C ILE A 108 20.09 16.87 41.48
N GLY A 109 21.34 17.24 41.19
CA GLY A 109 22.39 16.23 41.00
C GLY A 109 22.94 15.78 42.34
N TYR A 110 23.17 14.47 42.45
CA TYR A 110 23.63 13.87 43.70
C TYR A 110 24.78 12.94 43.36
N ALA A 111 25.93 13.13 44.02
CA ALA A 111 27.10 12.33 43.71
C ALA A 111 28.14 12.49 44.82
N ARG A 112 29.10 11.57 44.85
CA ARG A 112 30.15 11.62 45.86
C ARG A 112 31.19 12.68 45.57
N THR A 113 31.36 13.05 44.30
CA THR A 113 32.43 13.97 43.90
C THR A 113 32.24 15.33 44.55
N LYS A 114 33.26 15.77 45.29
CA LYS A 114 33.28 17.12 45.83
C LYS A 114 33.18 18.14 44.71
N VAL A 115 32.32 19.13 44.89
CA VAL A 115 32.20 20.25 43.95
C VAL A 115 32.25 21.53 44.79
N ASP A 116 33.42 22.17 44.80
CA ASP A 116 33.61 23.39 45.60
C ASP A 116 32.85 24.58 45.04
N ASP A 117 32.48 24.55 43.75
CA ASP A 117 31.84 25.68 43.07
C ASP A 117 30.76 25.14 42.13
N VAL A 118 29.51 25.14 42.61
CA VAL A 118 28.42 24.49 41.89
C VAL A 118 28.09 25.22 40.59
N GLU A 119 28.07 26.56 40.63
CA GLU A 119 27.73 27.33 39.43
C GLU A 119 28.74 27.10 38.31
N LYS A 120 30.02 26.89 38.66
CA LYS A 120 30.99 26.63 37.61
C LYS A 120 30.81 25.23 37.03
N TRP A 121 30.46 24.26 37.89
CA TRP A 121 30.18 22.91 37.41
C TRP A 121 29.02 22.92 36.43
N LYS A 122 27.97 23.68 36.72
CA LYS A 122 26.81 23.73 35.82
C LYS A 122 27.16 24.34 34.48
N HIS A 123 27.97 25.40 34.48
CA HIS A 123 28.23 26.17 33.28
C HIS A 123 29.36 25.59 32.44
N GLU A 124 30.42 25.12 33.09
CA GLU A 124 31.57 24.62 32.35
C GLU A 124 31.53 23.12 32.11
N THR A 125 30.83 22.34 32.93
CA THR A 125 30.67 20.92 32.63
C THR A 125 29.33 20.62 31.98
N LEU A 126 28.22 20.92 32.66
CA LEU A 126 26.91 20.48 32.17
C LEU A 126 26.50 21.20 30.89
N MET A 127 26.74 22.50 30.80
CA MET A 127 26.11 23.25 29.72
C MET A 127 26.71 22.92 28.36
N LYS A 128 27.98 22.50 28.34
CA LYS A 128 28.65 22.29 27.06
C LYS A 128 28.03 21.12 26.28
N TYR A 129 27.45 20.15 26.97
CA TYR A 129 26.82 19.02 26.31
C TYR A 129 25.38 19.28 25.94
N PHE A 130 24.84 20.46 26.26
CA PHE A 130 23.50 20.82 25.82
C PHE A 130 23.50 21.00 24.31
N SER A 131 22.39 20.61 23.70
CA SER A 131 22.28 20.62 22.25
C SER A 131 21.75 21.97 21.75
N ASN A 132 22.25 22.36 20.58
CA ASN A 132 21.74 23.51 19.82
C ASN A 132 21.72 24.77 20.67
N LEU A 133 22.88 25.08 21.28
CA LEU A 133 23.00 26.25 22.13
C LEU A 133 22.88 27.56 21.36
N SER A 134 23.13 27.54 20.04
CA SER A 134 23.00 28.75 19.23
C SER A 134 21.54 29.22 19.16
N GLU A 135 20.66 28.39 18.61
CA GLU A 135 19.26 28.77 18.48
C GLU A 135 18.59 28.99 19.83
N ARG A 136 18.99 28.23 20.85
CA ARG A 136 18.38 28.32 22.17
C ARG A 136 19.14 29.32 23.04
N GLY A 137 19.20 30.54 22.55
CA GLY A 137 19.73 31.64 23.33
C GLY A 137 18.86 31.90 24.55
N SER A 138 19.49 32.02 25.71
CA SER A 138 18.93 32.32 27.02
C SER A 138 18.17 31.13 27.63
N HIS A 139 17.92 30.06 26.89
CA HIS A 139 17.19 28.94 27.47
C HIS A 139 18.09 28.10 28.35
N ALA A 140 19.37 27.97 28.01
CA ALA A 140 20.29 27.19 28.83
C ALA A 140 20.46 27.79 30.22
N GLU A 141 20.67 29.11 30.29
CA GLU A 141 20.87 29.75 31.59
C GLU A 141 19.60 29.69 32.42
N ASP A 142 18.43 29.79 31.78
CA ASP A 142 17.15 29.58 32.47
C ASP A 142 17.08 28.18 33.07
N PHE A 143 17.50 27.17 32.30
CA PHE A 143 17.40 25.79 32.74
C PHE A 143 18.33 25.53 33.93
N LEU A 144 19.55 26.07 33.86
CA LEU A 144 20.52 25.90 34.93
C LEU A 144 20.02 26.46 36.26
N LYS A 145 19.09 27.42 36.21
CA LYS A 145 18.53 27.95 37.44
C LYS A 145 17.73 26.89 38.20
N HIS A 146 17.18 25.90 37.49
CA HIS A 146 16.45 24.78 38.08
C HIS A 146 17.35 23.68 38.64
N ILE A 147 18.67 23.80 38.53
CA ILE A 147 19.60 22.72 38.87
C ILE A 147 20.41 23.11 40.09
N SER A 148 20.56 22.17 41.02
CA SER A 148 21.48 22.31 42.15
C SER A 148 22.25 21.00 42.32
N TYR A 149 23.18 20.98 43.30
CA TYR A 149 24.09 19.84 43.48
C TYR A 149 24.16 19.49 44.95
N PHE A 150 24.06 18.21 45.25
CA PHE A 150 24.18 17.69 46.61
C PHE A 150 25.34 16.71 46.61
N CYS A 151 26.42 17.04 47.33
CA CYS A 151 27.55 16.13 47.49
C CYS A 151 27.26 15.20 48.66
N GLY A 152 27.06 13.91 48.37
CA GLY A 152 26.71 13.00 49.45
C GLY A 152 27.11 11.58 49.13
N ALA A 153 26.79 10.68 50.06
CA ALA A 153 27.06 9.26 49.89
C ALA A 153 25.78 8.55 49.51
N TYR A 154 25.90 7.55 48.65
CA TYR A 154 24.73 6.79 48.19
C TYR A 154 24.22 5.81 49.24
N ASP A 155 25.04 5.47 50.22
CA ASP A 155 24.70 4.47 51.23
C ASP A 155 24.55 5.07 52.62
N SER A 156 24.29 6.37 52.72
CA SER A 156 24.12 7.04 54.00
C SER A 156 22.64 7.36 54.19
N VAL A 157 22.02 6.73 55.19
CA VAL A 157 20.65 7.10 55.55
C VAL A 157 20.60 8.55 55.98
N ASP A 158 21.58 8.99 56.78
CA ASP A 158 21.54 10.37 57.24
C ASP A 158 21.62 11.36 56.09
N ASP A 159 22.46 11.09 55.08
CA ASP A 159 22.55 12.02 53.94
C ASP A 159 21.24 12.09 53.18
N PHE A 160 20.51 11.00 53.11
CA PHE A 160 19.25 11.05 52.39
C PHE A 160 18.17 11.74 53.22
N LYS A 161 18.26 11.67 54.56
CA LYS A 161 17.41 12.53 55.38
C LYS A 161 17.77 14.00 55.15
N ARG A 162 19.04 14.30 54.99
CA ARG A 162 19.43 15.68 54.67
C ARG A 162 18.96 16.05 53.27
N LEU A 163 19.10 15.14 52.31
CA LEU A 163 18.56 15.41 50.99
C LEU A 163 17.05 15.62 51.04
N ASP A 164 16.34 14.83 51.85
CA ASP A 164 14.90 15.02 51.97
C ASP A 164 14.57 16.43 52.47
N ALA A 165 15.33 16.95 53.44
CA ALA A 165 15.07 18.32 53.91
C ALA A 165 15.25 19.34 52.78
N VAL A 166 16.25 19.13 51.93
CA VAL A 166 16.44 20.04 50.80
C VAL A 166 15.29 19.91 49.80
N ILE A 167 14.86 18.67 49.50
CA ILE A 167 13.73 18.49 48.58
C ILE A 167 12.48 19.14 49.16
N ARG A 168 12.21 18.91 50.45
CA ARG A 168 11.01 19.47 51.08
C ARG A 168 10.99 20.99 50.98
N GLU A 169 12.16 21.64 51.10
CA GLU A 169 12.18 23.09 50.96
C GLU A 169 11.79 23.52 49.56
N LYS A 170 12.22 22.75 48.55
CA LYS A 170 11.83 23.08 47.18
C LYS A 170 10.36 22.76 46.93
N GLU A 171 9.84 21.67 47.51
CA GLU A 171 8.43 21.37 47.31
C GLU A 171 7.53 22.41 47.98
N ASN A 172 7.96 22.93 49.14
CA ASN A 172 7.18 23.92 49.88
C ASN A 172 7.14 25.27 49.16
N ALA A 173 8.04 25.52 48.21
CA ALA A 173 8.00 26.74 47.43
C ALA A 173 6.92 26.71 46.36
N PHE A 174 6.32 25.55 46.11
CA PHE A 174 5.33 25.41 45.05
C PHE A 174 4.14 26.33 45.31
N LYS A 175 3.70 27.04 44.28
CA LYS A 175 2.72 28.09 44.52
C LYS A 175 1.29 27.56 44.58
N GLY A 176 1.02 26.44 43.90
CA GLY A 176 -0.32 25.89 43.74
C GLY A 176 -0.81 25.19 44.98
N PRO A 177 -2.09 24.81 44.95
CA PRO A 177 -2.72 24.23 46.14
C PRO A 177 -2.45 22.74 46.37
N GLU A 178 -2.05 21.97 45.37
CA GLU A 178 -1.75 20.55 45.63
C GLU A 178 -0.56 20.41 46.56
N LYS A 179 -0.70 19.55 47.56
CA LYS A 179 0.31 19.40 48.61
C LYS A 179 1.41 18.41 48.20
N GLY A 180 2.47 18.37 49.00
CA GLY A 180 3.49 17.36 48.80
C GLY A 180 4.28 17.57 47.50
N GLY A 181 4.65 16.46 46.88
CA GLY A 181 5.40 16.55 45.64
C GLY A 181 5.78 15.21 45.05
N ASN A 182 5.86 15.16 43.73
CA ASN A 182 6.33 13.97 43.03
C ASN A 182 7.84 13.98 42.98
N ARG A 183 8.44 12.81 43.18
CA ARG A 183 9.89 12.65 43.15
C ARG A 183 10.26 11.58 42.12
N LEU A 184 11.03 11.98 41.12
CA LEU A 184 11.63 11.05 40.14
C LEU A 184 13.11 10.95 40.48
N PHE A 185 13.55 9.77 40.92
CA PHE A 185 14.95 9.49 41.19
C PHE A 185 15.53 8.78 39.98
N TYR A 186 16.66 9.29 39.48
CA TYR A 186 17.33 8.78 38.27
C TYR A 186 18.69 8.21 38.66
N LEU A 187 18.89 6.92 38.46
CA LEU A 187 20.09 6.25 38.95
C LEU A 187 21.09 6.11 37.81
N ALA A 188 21.81 7.21 37.55
CA ALA A 188 22.85 7.23 36.53
C ALA A 188 24.16 6.72 37.12
N LEU A 189 24.11 5.48 37.58
CA LEU A 189 25.13 4.85 38.40
C LEU A 189 25.33 3.42 37.96
N PRO A 190 26.46 2.80 38.31
CA PRO A 190 26.62 1.36 38.10
C PRO A 190 25.57 0.59 38.91
N PRO A 191 25.06 -0.51 38.35
CA PRO A 191 24.00 -1.27 39.05
C PRO A 191 24.40 -1.81 40.39
N SER A 192 25.70 -1.96 40.67
CA SER A 192 26.16 -2.38 41.99
C SER A 192 25.82 -1.40 43.10
N VAL A 193 25.44 -0.16 42.76
CA VAL A 193 25.00 0.83 43.75
C VAL A 193 23.48 0.92 43.89
N PHE A 194 22.72 0.23 43.00
CA PHE A 194 21.28 0.44 42.96
C PHE A 194 20.63 0.09 44.29
N ALA A 195 20.99 -1.03 44.90
CA ALA A 195 20.28 -1.45 46.09
C ALA A 195 20.60 -0.53 47.26
N SER A 196 21.84 0.00 47.29
CA SER A 196 22.19 0.99 48.31
CA SER A 196 22.19 0.99 48.31
C SER A 196 21.34 2.25 48.17
N VAL A 197 21.23 2.78 46.94
CA VAL A 197 20.44 4.00 46.72
C VAL A 197 18.98 3.77 47.09
N CYS A 198 18.40 2.65 46.66
CA CYS A 198 16.98 2.44 46.92
C CYS A 198 16.68 2.25 48.40
N GLU A 199 17.55 1.55 49.13
CA GLU A 199 17.37 1.45 50.58
C GLU A 199 17.47 2.83 51.23
N SER A 200 18.43 3.63 50.80
CA SER A 200 18.57 4.97 51.36
C SER A 200 17.35 5.84 51.06
N ILE A 201 16.83 5.79 49.83
CA ILE A 201 15.59 6.52 49.53
C ILE A 201 14.48 6.03 50.44
N HIS A 202 14.32 4.70 50.52
CA HIS A 202 13.25 4.10 51.33
C HIS A 202 13.31 4.60 52.77
N LYS A 203 14.52 4.67 53.34
CA LYS A 203 14.69 5.03 54.74
C LYS A 203 14.75 6.54 54.96
N GLY A 204 15.05 7.34 53.94
CA GLY A 204 15.30 8.75 54.18
C GLY A 204 14.56 9.76 53.33
N ALA A 205 14.05 9.39 52.14
CA ALA A 205 13.61 10.42 51.21
C ALA A 205 12.39 10.00 50.38
N MET A 206 11.49 9.20 50.95
CA MET A 206 10.23 8.98 50.27
C MET A 206 9.39 10.26 50.22
N PRO A 207 8.37 10.30 49.34
CA PRO A 207 7.54 11.50 49.20
C PRO A 207 6.85 11.85 50.51
N GLN A 208 6.59 13.14 50.68
CA GLN A 208 5.78 13.60 51.81
C GLN A 208 4.48 12.81 51.88
N GLU A 209 4.04 12.54 53.10
CA GLU A 209 2.82 11.78 53.30
C GLU A 209 1.60 12.53 52.77
N VAL A 210 1.66 13.87 52.69
CA VAL A 210 0.49 14.60 52.23
C VAL A 210 0.24 14.43 50.73
N GLY A 211 1.19 13.92 49.96
CA GLY A 211 0.90 13.71 48.55
C GLY A 211 2.12 13.61 47.65
N GLY A 212 1.99 12.90 46.53
CA GLY A 212 3.12 12.73 45.62
C GLY A 212 3.53 11.27 45.44
N TRP A 213 3.89 10.88 44.21
CA TRP A 213 4.43 9.55 43.94
C TRP A 213 5.96 9.59 43.94
N VAL A 214 6.57 8.42 44.04
CA VAL A 214 7.99 8.21 43.79
C VAL A 214 8.12 7.22 42.66
N ARG A 215 8.99 7.53 41.71
CA ARG A 215 9.36 6.63 40.63
C ARG A 215 10.87 6.66 40.47
N VAL A 216 11.43 5.51 40.12
CA VAL A 216 12.87 5.29 40.15
C VAL A 216 13.28 4.73 38.81
N ILE A 217 14.10 5.48 38.06
CA ILE A 217 14.59 5.02 36.77
C ILE A 217 15.91 4.30 36.98
N ILE A 218 15.98 3.07 36.50
CA ILE A 218 17.08 2.15 36.71
C ILE A 218 17.74 1.93 35.35
N GLU A 219 19.07 1.98 35.31
CA GLU A 219 19.85 1.81 34.09
C GLU A 219 20.38 0.39 33.95
N LYS A 220 20.57 -0.03 32.70
CA LYS A 220 21.21 -1.31 32.43
C LYS A 220 22.70 -1.28 32.82
N PRO A 221 23.33 -2.45 33.00
CA PRO A 221 22.80 -3.80 32.84
C PRO A 221 21.94 -4.26 34.01
N PHE A 222 20.81 -4.88 33.70
CA PHE A 222 19.95 -5.50 34.73
C PHE A 222 20.42 -6.94 34.97
N GLY A 223 21.55 -7.04 35.67
CA GLY A 223 22.16 -8.33 35.86
C GLY A 223 22.85 -8.74 34.57
N ARG A 224 23.37 -9.97 34.59
CA ARG A 224 24.05 -10.51 33.42
C ARG A 224 23.64 -11.93 33.11
N ASP A 225 22.70 -12.49 33.88
CA ASP A 225 22.12 -13.80 33.66
C ASP A 225 20.93 -13.91 34.60
N THR A 226 20.20 -15.02 34.47
CA THR A 226 18.99 -15.22 35.27
C THR A 226 19.26 -15.00 36.75
N LYS A 227 20.34 -15.59 37.27
CA LYS A 227 20.51 -15.59 38.73
C LYS A 227 20.94 -14.22 39.26
N SER A 228 21.88 -13.56 38.57
CA SER A 228 22.28 -12.22 39.02
C SER A 228 21.18 -11.19 38.81
N SER A 229 20.40 -11.31 37.73
CA SER A 229 19.28 -10.37 37.58
C SER A 229 18.21 -10.61 38.64
N ALA A 230 17.89 -11.88 38.93
CA ALA A 230 16.92 -12.14 39.98
C ALA A 230 17.40 -11.62 41.34
N GLU A 231 18.70 -11.70 41.60
CA GLU A 231 19.23 -11.19 42.86
C GLU A 231 19.02 -9.68 42.98
N LEU A 232 19.27 -8.95 41.87
CA LEU A 232 19.09 -7.51 41.88
C LEU A 232 17.61 -7.15 42.07
N SER A 233 16.72 -7.78 41.33
CA SER A 233 15.28 -7.53 41.52
C SER A 233 14.85 -7.86 42.95
N GLN A 234 15.37 -8.95 43.51
CA GLN A 234 15.04 -9.28 44.89
C GLN A 234 15.60 -8.24 45.85
N ALA A 235 16.73 -7.63 45.51
CA ALA A 235 17.30 -6.59 46.36
C ALA A 235 16.49 -5.28 46.31
N LEU A 236 15.90 -4.97 45.16
CA LEU A 236 15.13 -3.72 45.04
C LEU A 236 13.69 -3.86 45.50
N GLU A 237 13.10 -5.06 45.40
CA GLU A 237 11.67 -5.16 45.67
C GLU A 237 11.20 -4.89 47.10
N PRO A 238 12.02 -4.99 48.15
CA PRO A 238 11.56 -4.48 49.45
C PRO A 238 11.31 -2.99 49.44
N PHE A 239 11.90 -2.24 48.51
CA PHE A 239 11.83 -0.78 48.55
C PHE A 239 10.88 -0.18 47.52
N PHE A 240 10.77 -0.77 46.33
CA PHE A 240 9.91 -0.21 45.29
C PHE A 240 9.21 -1.33 44.53
N ASP A 241 7.93 -1.11 44.23
CA ASP A 241 7.13 -2.08 43.52
C ASP A 241 7.19 -1.78 42.01
N GLU A 242 6.48 -2.58 41.23
CA GLU A 242 6.57 -2.47 39.77
C GLU A 242 5.80 -1.29 39.18
N SER A 243 5.03 -0.59 40.00
CA SER A 243 4.51 0.69 39.56
C SER A 243 5.47 1.83 39.87
N GLN A 244 6.55 1.58 40.62
CA GLN A 244 7.50 2.64 40.94
C GLN A 244 8.84 2.50 40.19
N LEU A 245 9.25 1.27 39.86
CA LEU A 245 10.49 1.03 39.12
C LEU A 245 10.28 1.11 37.61
N TYR A 246 11.18 1.84 36.95
CA TYR A 246 11.19 2.03 35.50
C TYR A 246 12.55 1.59 34.99
N ARG A 247 12.62 0.36 34.46
CA ARG A 247 13.87 -0.17 33.90
C ARG A 247 13.97 0.29 32.46
N ILE A 248 14.89 1.21 32.18
CA ILE A 248 14.82 1.98 30.94
C ILE A 248 15.66 1.34 29.84
N ASP A 249 15.11 1.33 28.62
CA ASP A 249 15.82 0.91 27.42
C ASP A 249 15.85 2.14 26.51
N HIS A 250 17.02 2.78 26.41
CA HIS A 250 17.13 4.06 25.72
C HIS A 250 16.65 3.99 24.29
N TYR A 251 16.70 2.81 23.68
CA TYR A 251 16.50 2.71 22.24
C TYR A 251 15.07 2.39 21.84
N LEU A 252 14.16 2.24 22.80
CA LEU A 252 12.80 1.83 22.44
C LEU A 252 11.94 3.09 22.28
N GLY A 253 11.96 3.64 21.08
CA GLY A 253 11.18 4.83 20.81
C GLY A 253 9.68 4.59 20.78
N LYS A 254 8.96 5.61 21.24
CA LYS A 254 7.50 5.59 21.21
C LYS A 254 6.97 5.35 19.80
N GLU A 255 7.64 5.91 18.78
CA GLU A 255 7.14 5.81 17.41
C GLU A 255 7.16 4.38 16.90
N MET A 256 8.26 3.64 17.14
CA MET A 256 8.32 2.26 16.70
C MET A 256 7.26 1.42 17.39
N VAL A 257 7.09 1.62 18.69
CA VAL A 257 6.14 0.83 19.46
C VAL A 257 4.72 1.07 18.97
N GLN A 258 4.36 2.33 18.70
CA GLN A 258 3.03 2.60 18.16
C GLN A 258 2.86 2.02 16.77
N ASN A 259 3.92 2.02 15.95
CA ASN A 259 3.82 1.38 14.64
C ASN A 259 3.54 -0.12 14.79
N ILE A 260 4.18 -0.77 15.77
CA ILE A 260 4.01 -2.20 15.98
C ILE A 260 2.61 -2.51 16.51
N ILE A 261 2.13 -1.74 17.48
CA ILE A 261 0.87 -2.08 18.14
C ILE A 261 -0.33 -1.60 17.32
N THR A 262 -0.32 -0.33 16.93
CA THR A 262 -1.51 0.23 16.28
C THR A 262 -1.69 -0.31 14.87
N THR A 263 -0.61 -0.39 14.09
CA THR A 263 -0.79 -0.83 12.71
C THR A 263 -1.34 -2.24 12.66
N ARG A 264 -0.90 -3.11 13.56
CA ARG A 264 -1.50 -4.43 13.67
C ARG A 264 -2.91 -4.40 14.25
N PHE A 265 -3.07 -3.96 15.50
CA PHE A 265 -4.27 -4.29 16.27
C PHE A 265 -5.47 -3.39 15.98
N ALA A 266 -5.26 -2.20 15.40
CA ALA A 266 -6.39 -1.39 14.99
C ALA A 266 -6.99 -1.81 13.66
N ASN A 267 -6.33 -2.69 12.90
CA ASN A 267 -6.69 -2.98 11.51
C ASN A 267 -6.98 -4.46 11.29
N ARG A 268 -8.14 -4.76 10.72
CA ARG A 268 -8.43 -6.14 10.34
C ARG A 268 -7.40 -6.67 9.34
N ILE A 269 -6.98 -5.86 8.36
CA ILE A 269 -6.12 -6.39 7.30
C ILE A 269 -4.80 -6.93 7.88
N PHE A 270 -4.18 -6.17 8.78
CA PHE A 270 -2.91 -6.64 9.33
C PHE A 270 -3.11 -7.64 10.48
N SER A 271 -4.14 -7.47 11.32
CA SER A 271 -4.39 -8.42 12.40
C SER A 271 -4.53 -9.84 11.89
N ALA A 272 -5.19 -10.01 10.73
CA ALA A 272 -5.58 -11.30 10.21
C ALA A 272 -4.41 -12.11 9.68
N VAL A 273 -3.34 -11.44 9.25
CA VAL A 273 -2.17 -12.12 8.68
C VAL A 273 -1.00 -12.20 9.67
N TRP A 274 -1.19 -11.78 10.91
CA TRP A 274 -0.10 -11.71 11.90
C TRP A 274 0.03 -13.04 12.66
N ASN A 275 0.37 -14.09 11.91
CA ASN A 275 0.33 -15.44 12.47
C ASN A 275 1.11 -16.39 11.57
N ALA A 276 1.28 -17.63 12.04
CA ALA A 276 2.04 -18.63 11.32
C ALA A 276 1.36 -19.07 10.02
N SER A 277 0.03 -18.96 9.91
CA SER A 277 -0.55 -19.34 8.61
C SER A 277 -0.10 -18.42 7.50
N ASN A 278 0.43 -17.24 7.82
CA ASN A 278 0.71 -16.24 6.81
C ASN A 278 2.15 -15.75 6.78
N ILE A 279 2.89 -15.89 7.86
CA ILE A 279 4.22 -15.30 7.98
C ILE A 279 5.27 -16.39 7.82
N ALA A 280 6.26 -16.14 6.97
CA ALA A 280 7.31 -17.14 6.76
C ALA A 280 8.53 -16.91 7.65
N CYS A 281 8.85 -15.66 7.95
N CYS A 281 8.89 -15.67 7.93
CA CYS A 281 10.09 -15.33 8.65
CA CYS A 281 10.00 -15.45 8.84
C CYS A 281 9.93 -13.96 9.31
C CYS A 281 10.00 -14.00 9.30
N VAL A 282 10.53 -13.80 10.50
CA VAL A 282 10.61 -12.48 11.13
C VAL A 282 12.08 -12.24 11.47
N GLN A 283 12.61 -11.09 11.04
CA GLN A 283 13.95 -10.64 11.40
C GLN A 283 13.88 -9.32 12.15
N ILE A 284 14.69 -9.21 13.19
CA ILE A 284 14.82 -8.00 13.99
C ILE A 284 16.31 -7.72 14.06
N THR A 285 16.73 -6.58 13.51
CA THR A 285 18.14 -6.34 13.20
C THR A 285 18.59 -4.99 13.72
N PHE A 286 19.78 -4.96 14.36
CA PHE A 286 20.34 -3.76 15.00
C PHE A 286 21.80 -3.62 14.55
N LYS A 287 22.06 -2.70 13.63
CA LYS A 287 23.38 -2.57 13.00
C LYS A 287 23.96 -1.18 13.24
N GLU A 288 25.26 -1.13 13.50
CA GLU A 288 26.00 0.12 13.65
C GLU A 288 27.30 0.04 12.86
N THR A 289 27.69 1.19 12.27
CA THR A 289 29.01 1.28 11.65
C THR A 289 30.12 1.51 12.67
N ILE A 290 29.83 2.18 13.79
CA ILE A 290 30.84 2.40 14.81
C ILE A 290 31.20 1.08 15.49
N GLY A 291 32.43 1.01 15.99
CA GLY A 291 32.84 -0.08 16.82
C GLY A 291 32.78 0.29 18.28
N THR A 292 33.56 -0.42 19.09
CA THR A 292 33.77 -0.08 20.48
C THR A 292 35.10 0.64 20.67
N GLU A 293 35.58 1.28 19.60
CA GLU A 293 36.99 1.64 19.45
C GLU A 293 37.49 2.38 20.67
N GLY A 294 36.73 3.37 21.12
CA GLY A 294 37.11 4.10 22.31
C GLY A 294 37.44 3.16 23.45
N ARG A 295 36.41 2.48 23.98
CA ARG A 295 36.51 1.82 25.27
C ARG A 295 35.93 0.41 25.18
N GLY A 296 36.44 -0.37 24.23
CA GLY A 296 36.12 -1.78 24.13
C GLY A 296 36.29 -2.55 25.43
N GLY A 297 36.97 -1.92 26.41
CA GLY A 297 37.29 -2.61 27.64
C GLY A 297 36.09 -2.97 28.49
N TYR A 298 35.15 -2.03 28.65
CA TYR A 298 33.98 -2.31 29.48
C TYR A 298 32.81 -2.91 28.70
N PHE A 299 32.88 -2.85 27.37
CA PHE A 299 32.10 -3.78 26.55
C PHE A 299 32.55 -5.21 26.74
N ASP A 300 33.81 -5.43 27.14
CA ASP A 300 34.44 -6.73 26.96
C ASP A 300 33.84 -7.80 27.86
N ASN A 301 33.31 -7.43 29.00
CA ASN A 301 32.64 -8.40 29.86
C ASN A 301 31.14 -8.46 29.65
N ILE A 302 30.61 -7.69 28.71
CA ILE A 302 29.17 -7.65 28.40
C ILE A 302 28.89 -8.37 27.08
N GLY A 303 29.52 -7.93 26.00
CA GLY A 303 29.33 -8.55 24.71
C GLY A 303 27.99 -8.17 24.10
N ILE A 304 27.84 -8.37 22.80
CA ILE A 304 26.74 -7.78 22.05
C ILE A 304 25.38 -8.37 22.43
N ILE A 305 25.35 -9.61 22.95
CA ILE A 305 24.06 -10.24 23.26
C ILE A 305 23.44 -9.59 24.50
N ARG A 306 24.21 -9.50 25.59
CA ARG A 306 23.75 -8.78 26.78
C ARG A 306 23.58 -7.30 26.48
N ASP A 307 24.45 -6.74 25.64
CA ASP A 307 24.42 -5.30 25.39
C ASP A 307 23.09 -4.87 24.77
N VAL A 308 22.64 -5.56 23.71
CA VAL A 308 21.48 -5.07 22.98
C VAL A 308 20.44 -6.13 22.62
N MET A 309 20.75 -7.41 22.76
CA MET A 309 19.77 -8.34 22.20
C MET A 309 18.86 -8.97 23.25
N GLN A 310 19.40 -9.39 24.41
CA GLN A 310 18.53 -9.90 25.49
C GLN A 310 17.62 -8.80 26.03
N ASN A 311 18.00 -7.54 25.89
CA ASN A 311 17.18 -6.45 26.44
C ASN A 311 16.44 -5.73 25.33
N HIS A 312 17.14 -5.06 24.41
CA HIS A 312 16.42 -4.20 23.48
C HIS A 312 15.68 -5.01 22.41
N LEU A 313 16.36 -5.93 21.73
CA LEU A 313 15.71 -6.64 20.63
C LEU A 313 14.61 -7.57 21.14
N THR A 314 14.76 -8.08 22.36
CA THR A 314 13.76 -8.98 22.91
C THR A 314 12.50 -8.24 23.30
N GLN A 315 12.59 -6.97 23.72
CA GLN A 315 11.35 -6.23 23.97
C GLN A 315 10.61 -5.93 22.67
N ILE A 316 11.35 -5.58 21.61
CA ILE A 316 10.71 -5.42 20.30
C ILE A 316 10.02 -6.72 19.91
N LEU A 317 10.71 -7.85 20.07
N LEU A 317 10.71 -7.84 20.08
CA LEU A 317 10.10 -9.14 19.73
CA LEU A 317 10.17 -9.16 19.77
C LEU A 317 8.82 -9.37 20.52
C LEU A 317 8.86 -9.41 20.54
N ALA A 318 8.85 -9.10 21.84
CA ALA A 318 7.66 -9.32 22.65
C ALA A 318 6.48 -8.50 22.14
N LEU A 319 6.72 -7.23 21.78
CA LEU A 319 5.64 -6.38 21.29
C LEU A 319 5.12 -6.86 19.94
N LEU A 320 6.04 -7.36 19.09
CA LEU A 320 5.68 -7.91 17.79
C LEU A 320 4.84 -9.18 17.90
N ALA A 321 5.15 -10.04 18.87
CA ALA A 321 4.63 -11.41 18.91
C ALA A 321 3.50 -11.61 19.89
N MET A 322 3.27 -10.66 20.79
CA MET A 322 2.24 -10.80 21.80
C MET A 322 0.84 -11.01 21.22
N GLU A 323 0.01 -11.71 21.99
CA GLU A 323 -1.42 -11.76 21.79
C GLU A 323 -2.06 -10.40 22.02
N LYS A 324 -3.29 -10.22 21.52
CA LYS A 324 -4.05 -9.00 21.76
C LYS A 324 -4.21 -8.74 23.26
N PRO A 325 -3.88 -7.54 23.75
CA PRO A 325 -4.08 -7.24 25.18
C PRO A 325 -5.54 -6.87 25.46
N ARG A 326 -5.95 -7.07 26.73
CA ARG A 326 -7.34 -6.83 27.11
C ARG A 326 -7.73 -5.36 26.93
N SER A 327 -6.78 -4.46 27.01
CA SER A 327 -6.99 -3.05 26.72
C SER A 327 -5.64 -2.47 26.32
N LEU A 328 -5.63 -1.18 26.00
CA LEU A 328 -4.36 -0.52 25.69
C LEU A 328 -3.63 0.01 26.92
N ASP A 329 -4.12 -0.28 28.13
CA ASP A 329 -3.43 0.15 29.35
C ASP A 329 -2.05 -0.50 29.45
N ALA A 330 -1.13 0.21 30.10
CA ALA A 330 0.27 -0.21 30.15
C ALA A 330 0.41 -1.67 30.59
N GLU A 331 -0.24 -2.03 31.70
CA GLU A 331 0.04 -3.33 32.31
C GLU A 331 -0.67 -4.48 31.61
N CYS A 332 -1.75 -4.22 30.87
CA CYS A 332 -2.26 -5.25 29.98
C CYS A 332 -1.28 -5.55 28.87
N ILE A 333 -0.62 -4.52 28.34
CA ILE A 333 0.42 -4.73 27.34
C ILE A 333 1.61 -5.47 27.96
N ARG A 334 2.08 -5.05 29.14
CA ARG A 334 3.17 -5.79 29.77
C ARG A 334 2.74 -7.21 30.13
N ASP A 335 1.46 -7.41 30.48
CA ASP A 335 0.97 -8.78 30.68
C ASP A 335 1.20 -9.63 29.43
N GLU A 336 0.88 -9.09 28.25
CA GLU A 336 1.01 -9.89 27.04
C GLU A 336 2.46 -10.06 26.63
N LYS A 337 3.32 -9.07 26.94
CA LYS A 337 4.75 -9.26 26.69
C LYS A 337 5.27 -10.44 27.48
N VAL A 338 4.92 -10.50 28.78
CA VAL A 338 5.30 -11.64 29.61
C VAL A 338 4.74 -12.94 29.04
N SER A 339 3.48 -12.94 28.63
CA SER A 339 2.86 -14.18 28.20
C SER A 339 3.57 -14.78 27.00
N VAL A 340 3.89 -13.95 26.00
CA VAL A 340 4.54 -14.52 24.81
C VAL A 340 5.99 -14.89 25.10
N LEU A 341 6.70 -14.08 25.89
CA LEU A 341 8.08 -14.43 26.19
C LEU A 341 8.16 -15.81 26.86
N LYS A 342 7.15 -16.17 27.67
CA LYS A 342 7.11 -17.50 28.29
C LYS A 342 6.98 -18.64 27.27
N CYS A 343 6.58 -18.35 26.03
CA CYS A 343 6.45 -19.40 25.00
C CYS A 343 7.74 -19.63 24.23
N ILE A 344 8.83 -18.98 24.61
CA ILE A 344 10.04 -18.99 23.79
C ILE A 344 11.01 -20.01 24.37
N GLU A 345 11.50 -20.92 23.52
CA GLU A 345 12.42 -21.96 23.96
C GLU A 345 13.77 -21.32 24.27
N PRO A 346 14.55 -21.87 25.19
CA PRO A 346 15.88 -21.30 25.38
C PRO A 346 16.71 -21.48 24.12
N ILE A 347 17.41 -20.42 23.71
CA ILE A 347 18.22 -20.47 22.51
C ILE A 347 19.35 -21.45 22.68
N THR A 348 19.62 -22.25 21.65
CA THR A 348 20.69 -23.25 21.66
C THR A 348 21.96 -22.70 21.00
N LYS A 349 23.12 -23.29 21.37
CA LYS A 349 24.36 -22.85 20.72
C LYS A 349 24.36 -23.15 19.22
N GLU A 350 23.61 -24.16 18.79
CA GLU A 350 23.48 -24.45 17.35
C GLU A 350 22.70 -23.37 16.63
N ASN A 351 21.92 -22.56 17.33
CA ASN A 351 21.13 -21.51 16.71
C ASN A 351 21.76 -20.12 16.93
N CYS A 352 23.09 -20.04 16.98
CA CYS A 352 23.75 -18.76 17.21
C CYS A 352 25.08 -18.71 16.46
N VAL A 353 25.32 -17.65 15.70
CA VAL A 353 26.59 -17.42 15.03
C VAL A 353 27.19 -16.12 15.56
N LEU A 354 28.43 -16.18 16.03
CA LEU A 354 29.09 -15.04 16.66
C LEU A 354 30.17 -14.44 15.76
N GLY A 355 30.38 -13.13 15.90
CA GLY A 355 31.47 -12.47 15.21
C GLY A 355 32.26 -11.57 16.14
N GLN A 356 33.49 -11.25 15.71
CA GLN A 356 34.32 -10.23 16.35
C GLN A 356 35.06 -9.46 15.27
N TYR A 357 34.93 -8.14 15.26
CA TYR A 357 35.42 -7.38 14.12
C TYR A 357 36.92 -7.10 14.22
N THR A 358 37.57 -7.13 13.06
CA THR A 358 38.97 -6.76 12.89
C THR A 358 39.04 -5.40 12.21
N ALA A 359 40.25 -4.97 11.86
CA ALA A 359 40.43 -3.68 11.21
C ALA A 359 39.77 -3.68 9.83
N SER A 360 39.24 -2.52 9.45
CA SER A 360 38.62 -2.39 8.14
C SER A 360 39.68 -2.55 7.05
N ALA A 361 39.22 -2.89 5.85
CA ALA A 361 40.12 -3.14 4.73
C ALA A 361 41.03 -1.93 4.48
N ASP A 362 40.51 -0.72 4.68
CA ASP A 362 41.25 0.50 4.37
C ASP A 362 42.03 1.03 5.56
N GLY A 363 42.05 0.33 6.68
CA GLY A 363 42.75 0.79 7.86
C GLY A 363 42.09 1.93 8.60
N SER A 364 40.94 2.41 8.12
CA SER A 364 40.25 3.51 8.78
C SER A 364 39.83 3.15 10.21
N ILE A 365 39.36 1.92 10.41
CA ILE A 365 38.78 1.50 11.68
C ILE A 365 39.67 0.41 12.27
N PRO A 366 40.28 0.62 13.43
CA PRO A 366 41.12 -0.43 14.01
C PRO A 366 40.28 -1.60 14.53
N GLY A 367 40.91 -2.77 14.58
CA GLY A 367 40.21 -3.96 15.03
C GLY A 367 39.84 -3.90 16.49
N TYR A 368 38.88 -4.75 16.86
CA TYR A 368 38.39 -4.77 18.23
C TYR A 368 39.51 -5.08 19.22
N LEU A 369 40.41 -6.00 18.86
CA LEU A 369 41.54 -6.34 19.73
C LEU A 369 42.63 -5.26 19.72
N GLU A 370 42.76 -4.50 18.64
CA GLU A 370 43.73 -3.40 18.55
C GLU A 370 43.43 -2.27 19.53
N ASP A 371 42.41 -2.43 20.35
CA ASP A 371 42.10 -1.49 21.41
C ASP A 371 42.96 -1.79 22.63
N VAL A 372 43.59 -0.75 23.20
CA VAL A 372 44.46 -0.99 24.34
C VAL A 372 43.69 -1.31 25.61
N THR A 373 42.37 -1.12 25.63
CA THR A 373 41.61 -1.45 26.82
C THR A 373 40.97 -2.84 26.77
N VAL A 374 41.22 -3.61 25.72
CA VAL A 374 40.66 -4.95 25.56
C VAL A 374 41.73 -5.97 25.94
N PRO A 375 41.44 -6.89 26.86
CA PRO A 375 42.44 -7.89 27.24
C PRO A 375 42.88 -8.72 26.04
N GLU A 376 44.17 -9.05 26.02
CA GLU A 376 44.73 -9.83 24.92
C GLU A 376 44.04 -11.19 24.86
N GLY A 377 43.82 -11.68 23.63
CA GLY A 377 43.14 -12.95 23.46
C GLY A 377 41.65 -12.96 23.76
N SER A 378 41.01 -11.80 23.87
CA SER A 378 39.59 -11.78 24.20
C SER A 378 38.77 -12.41 23.09
N THR A 379 37.79 -13.22 23.47
CA THR A 379 36.85 -13.79 22.50
C THR A 379 35.46 -13.17 22.66
N CYS A 380 35.41 -11.96 23.19
CA CYS A 380 34.15 -11.25 23.35
C CYS A 380 33.46 -11.05 22.00
N PRO A 381 32.15 -11.32 21.89
CA PRO A 381 31.47 -11.17 20.59
C PRO A 381 31.01 -9.74 20.33
N THR A 382 31.35 -9.19 19.17
CA THR A 382 30.84 -7.89 18.77
C THR A 382 29.69 -8.01 17.76
N PHE A 383 29.29 -9.23 17.44
CA PHE A 383 28.30 -9.54 16.41
C PHE A 383 27.61 -10.83 16.81
N ALA A 384 26.29 -10.91 16.63
CA ALA A 384 25.62 -12.19 16.78
C ALA A 384 24.36 -12.24 15.93
N VAL A 385 24.07 -13.43 15.37
CA VAL A 385 22.77 -13.72 14.77
C VAL A 385 22.27 -15.00 15.39
N MET A 386 20.98 -15.04 15.74
CA MET A 386 20.48 -16.22 16.43
C MET A 386 19.05 -16.45 15.97
N ARG A 387 18.57 -17.67 16.16
CA ARG A 387 17.18 -18.00 15.85
C ARG A 387 16.44 -18.33 17.13
N LEU A 388 15.28 -17.70 17.33
CA LEU A 388 14.43 -18.00 18.46
C LEU A 388 13.18 -18.73 17.97
N ASN A 389 12.66 -19.63 18.79
CA ASN A 389 11.44 -20.37 18.46
C ASN A 389 10.36 -20.02 19.48
N ILE A 390 9.21 -19.54 18.99
CA ILE A 390 8.05 -19.22 19.82
C ILE A 390 7.04 -20.34 19.65
N ASN A 391 6.91 -21.18 20.65
CA ASN A 391 6.12 -22.41 20.54
C ASN A 391 4.72 -22.14 21.10
N ASN A 392 3.88 -21.50 20.30
CA ASN A 392 2.45 -21.38 20.64
C ASN A 392 1.67 -21.40 19.35
N ASP A 393 0.34 -21.28 19.47
CA ASP A 393 -0.53 -21.47 18.31
C ASP A 393 -0.25 -20.43 17.24
N ARG A 394 -0.06 -19.17 17.65
CA ARG A 394 0.14 -18.12 16.67
C ARG A 394 1.47 -18.26 15.93
N TRP A 395 2.53 -18.78 16.58
CA TRP A 395 3.87 -18.61 16.03
C TRP A 395 4.64 -19.90 15.78
N ALA A 396 4.10 -21.06 16.14
CA ALA A 396 4.91 -22.28 16.05
C ALA A 396 5.41 -22.48 14.63
N GLY A 397 6.71 -22.79 14.52
CA GLY A 397 7.33 -23.01 13.24
C GLY A 397 7.83 -21.78 12.52
N VAL A 398 7.56 -20.57 13.03
CA VAL A 398 7.99 -19.34 12.38
C VAL A 398 9.39 -18.98 12.90
N PRO A 399 10.38 -18.84 12.04
CA PRO A 399 11.70 -18.43 12.53
C PRO A 399 11.70 -16.96 12.91
N PHE A 400 12.15 -16.68 14.13
CA PHE A 400 12.44 -15.34 14.60
C PHE A 400 13.95 -15.20 14.70
N ILE A 401 14.53 -14.36 13.86
CA ILE A 401 15.97 -14.17 13.78
C ILE A 401 16.30 -12.82 14.37
N LEU A 402 17.12 -12.81 15.42
CA LEU A 402 17.67 -11.58 15.97
C LEU A 402 19.11 -11.43 15.49
N LYS A 403 19.45 -10.23 15.04
CA LYS A 403 20.82 -9.96 14.59
C LYS A 403 21.28 -8.63 15.16
N ALA A 404 22.47 -8.58 15.76
CA ALA A 404 23.06 -7.32 16.16
C ALA A 404 24.56 -7.35 15.88
N GLY A 405 25.09 -6.23 15.40
CA GLY A 405 26.52 -6.20 15.13
C GLY A 405 27.11 -4.81 15.27
N LYS A 406 28.30 -4.73 15.85
CA LYS A 406 29.13 -3.53 15.84
C LYS A 406 30.01 -3.53 14.59
N ALA A 407 30.34 -2.33 14.10
CA ALA A 407 31.32 -2.14 13.01
C ALA A 407 30.97 -2.95 11.75
N VAL A 408 29.71 -2.86 11.32
CA VAL A 408 29.27 -3.58 10.13
C VAL A 408 29.01 -2.52 9.06
N GLU A 409 28.36 -2.89 7.97
CA GLU A 409 28.41 -2.10 6.74
C GLU A 409 27.50 -0.86 6.75
N GLN A 410 26.53 -0.77 7.67
CA GLN A 410 25.62 0.37 7.68
C GLN A 410 24.98 0.48 9.05
N LYS A 411 24.45 1.67 9.35
CA LYS A 411 23.63 1.90 10.53
C LYS A 411 22.17 1.66 10.17
N TYR A 412 21.53 0.70 10.84
CA TYR A 412 20.23 0.22 10.39
C TYR A 412 19.57 -0.54 11.53
N VAL A 413 18.33 -0.19 11.83
CA VAL A 413 17.56 -0.90 12.85
C VAL A 413 16.16 -1.08 12.28
N ALA A 414 15.71 -2.33 12.13
CA ALA A 414 14.42 -2.56 11.50
C ALA A 414 13.86 -3.91 11.93
N ILE A 415 12.55 -4.00 11.81
CA ILE A 415 11.84 -5.27 11.78
C ILE A 415 11.51 -5.59 10.33
N ARG A 416 11.75 -6.83 9.91
CA ARG A 416 11.36 -7.28 8.58
C ARG A 416 10.51 -8.54 8.70
N ILE A 417 9.25 -8.45 8.31
CA ILE A 417 8.35 -9.59 8.29
C ILE A 417 8.20 -10.06 6.85
N GLN A 418 8.48 -11.35 6.60
CA GLN A 418 8.31 -11.93 5.27
C GLN A 418 7.11 -12.87 5.31
N PHE A 419 6.14 -12.61 4.45
CA PHE A 419 4.94 -13.43 4.39
C PHE A 419 5.16 -14.65 3.48
N ARG A 420 4.43 -15.72 3.75
CA ARG A 420 4.51 -16.90 2.90
C ARG A 420 4.14 -16.55 1.47
N ASP A 421 4.94 -17.05 0.52
CA ASP A 421 4.74 -16.81 -0.90
C ASP A 421 3.42 -17.44 -1.37
N GLU A 422 2.76 -16.78 -2.33
CA GLU A 422 1.65 -17.42 -3.03
C GLU A 422 2.21 -18.02 -4.30
N VAL A 423 2.60 -19.30 -4.23
CA VAL A 423 3.18 -19.97 -5.39
C VAL A 423 2.19 -19.99 -6.55
N HIS A 424 0.90 -20.15 -6.24
CA HIS A 424 -0.14 -20.22 -7.26
C HIS A 424 -1.07 -19.02 -7.18
N PRO A 425 -1.44 -18.44 -8.32
CA PRO A 425 -1.05 -18.93 -9.64
C PRO A 425 0.07 -18.14 -10.35
N TYR A 426 0.70 -17.18 -9.67
CA TYR A 426 1.69 -16.34 -10.35
C TYR A 426 3.07 -16.99 -10.48
N GLY A 427 3.39 -17.99 -9.68
CA GLY A 427 4.70 -18.62 -9.78
C GLY A 427 5.84 -17.61 -9.69
N GLU A 428 6.77 -17.67 -10.65
CA GLU A 428 7.92 -16.77 -10.63
C GLU A 428 7.54 -15.32 -10.92
N ALA A 429 6.29 -15.06 -11.31
CA ALA A 429 5.85 -13.68 -11.42
C ALA A 429 5.44 -13.07 -10.07
N THR A 430 5.66 -13.74 -8.93
CA THR A 430 5.46 -13.12 -7.63
C THR A 430 6.55 -13.61 -6.67
N GLN A 431 6.49 -13.13 -5.43
CA GLN A 431 7.44 -13.52 -4.40
C GLN A 431 6.84 -13.14 -3.05
N ARG A 432 7.61 -13.38 -1.98
CA ARG A 432 7.12 -13.06 -0.65
C ARG A 432 6.71 -11.60 -0.53
N ASN A 433 5.52 -11.36 0.02
CA ASN A 433 5.21 -10.03 0.53
C ASN A 433 6.11 -9.72 1.75
N GLU A 434 6.29 -8.43 2.05
CA GLU A 434 7.06 -8.02 3.23
C GLU A 434 6.37 -6.88 3.93
N LEU A 435 6.60 -6.79 5.25
CA LEU A 435 6.25 -5.61 6.02
C LEU A 435 7.50 -5.21 6.79
N VAL A 436 7.92 -3.96 6.63
CA VAL A 436 9.14 -3.46 7.25
C VAL A 436 8.76 -2.31 8.17
N ILE A 437 9.34 -2.32 9.38
CA ILE A 437 9.19 -1.26 10.36
C ILE A 437 10.60 -0.88 10.77
N ARG A 438 11.05 0.30 10.33
CA ARG A 438 12.43 0.73 10.50
C ARG A 438 12.50 1.88 11.50
N ALA A 439 13.51 1.84 12.38
CA ALA A 439 13.78 2.95 13.28
C ALA A 439 15.01 3.76 12.90
N GLN A 440 16.02 3.14 12.30
CA GLN A 440 17.27 3.78 11.94
C GLN A 440 17.63 3.36 10.53
N PRO A 441 18.26 4.24 9.73
CA PRO A 441 18.74 5.59 10.07
C PRO A 441 17.62 6.62 10.11
N SER A 442 16.43 6.23 9.66
CA SER A 442 15.24 7.06 9.77
C SER A 442 14.04 6.16 9.98
N GLU A 443 12.99 6.72 10.61
CA GLU A 443 11.74 5.99 10.74
C GLU A 443 11.13 5.73 9.37
N ALA A 444 10.72 4.48 9.14
CA ALA A 444 9.90 4.17 7.99
C ALA A 444 9.03 2.96 8.31
N MET A 445 7.93 2.85 7.58
CA MET A 445 7.09 1.65 7.64
C MET A 445 6.50 1.44 6.26
N TYR A 446 6.70 0.25 5.68
CA TYR A 446 6.22 0.03 4.33
C TYR A 446 5.92 -1.44 4.13
N VAL A 447 5.11 -1.70 3.13
CA VAL A 447 4.87 -3.06 2.68
CA VAL A 447 4.80 -3.04 2.65
C VAL A 447 5.42 -3.18 1.28
N LYS A 448 5.80 -4.41 0.93
CA LYS A 448 6.24 -4.76 -0.42
C LYS A 448 5.31 -5.85 -0.90
N ILE A 449 4.65 -5.61 -2.04
CA ILE A 449 3.74 -6.57 -2.65
C ILE A 449 3.96 -6.58 -4.15
N THR A 450 3.42 -7.62 -4.78
CA THR A 450 3.41 -7.72 -6.23
C THR A 450 2.22 -6.94 -6.78
N THR A 451 2.47 -6.08 -7.78
CA THR A 451 1.42 -5.31 -8.42
C THR A 451 1.48 -5.51 -9.93
N LYS A 452 0.42 -5.12 -10.61
CA LYS A 452 0.50 -5.08 -12.06
C LYS A 452 1.42 -3.94 -12.50
N VAL A 453 1.80 -4.01 -13.77
CA VAL A 453 2.59 -2.99 -14.46
C VAL A 453 1.65 -2.21 -15.36
N PRO A 454 1.51 -0.89 -15.19
CA PRO A 454 0.57 -0.15 -16.04
C PRO A 454 0.99 -0.12 -17.50
N GLY A 455 0.01 -0.02 -18.37
CA GLY A 455 0.24 -0.01 -19.80
C GLY A 455 -0.06 -1.37 -20.44
N LEU A 456 -0.33 -1.33 -21.76
CA LEU A 456 -0.64 -2.52 -22.52
C LEU A 456 0.58 -3.38 -22.84
N SER A 457 1.78 -2.86 -22.57
CA SER A 457 2.99 -3.65 -22.79
C SER A 457 3.00 -4.92 -21.94
N GLY A 458 2.27 -4.93 -20.83
CA GLY A 458 2.30 -6.07 -19.94
C GLY A 458 1.01 -6.85 -19.76
N ASP A 459 1.08 -8.15 -20.02
CA ASP A 459 0.00 -9.05 -19.69
C ASP A 459 -0.02 -9.29 -18.17
N LEU A 460 -0.86 -10.22 -17.75
CA LEU A 460 -1.06 -10.50 -16.33
C LEU A 460 0.23 -10.94 -15.64
N ARG A 461 1.10 -11.64 -16.35
CA ARG A 461 2.35 -12.12 -15.78
C ARG A 461 3.43 -11.06 -15.71
N GLN A 462 3.23 -9.86 -16.24
CA GLN A 462 4.25 -8.83 -16.10
C GLN A 462 3.93 -8.01 -14.86
N THR A 463 4.69 -8.26 -13.80
CA THR A 463 4.42 -7.70 -12.48
C THR A 463 5.64 -6.92 -12.02
N HIS A 464 5.46 -6.21 -10.91
CA HIS A 464 6.55 -5.44 -10.32
C HIS A 464 6.49 -5.60 -8.81
N GLN A 465 7.65 -5.75 -8.16
CA GLN A 465 7.69 -5.78 -6.69
C GLN A 465 7.67 -4.36 -6.17
N THR A 466 6.55 -3.94 -5.59
CA THR A 466 6.28 -2.54 -5.32
C THR A 466 6.32 -2.25 -3.82
N GLU A 467 6.99 -1.16 -3.46
CA GLU A 467 7.03 -0.71 -2.07
C GLU A 467 5.94 0.32 -1.86
N LEU A 468 5.15 0.14 -0.80
CA LEU A 468 4.03 1.02 -0.45
C LEU A 468 4.33 1.61 0.92
N ASP A 469 4.70 2.90 0.96
CA ASP A 469 5.13 3.53 2.21
C ASP A 469 3.94 3.95 3.04
N LEU A 470 3.80 3.39 4.24
CA LEU A 470 2.86 3.94 5.22
C LEU A 470 3.42 5.22 5.84
N THR A 471 4.70 5.21 6.20
CA THR A 471 5.43 6.42 6.59
C THR A 471 6.86 6.28 6.10
N TYR A 472 7.49 7.41 5.77
CA TYR A 472 8.89 7.42 5.31
C TYR A 472 9.50 8.77 5.64
N HIS A 473 10.44 8.79 6.58
CA HIS A 473 11.07 10.02 7.03
C HIS A 473 12.50 10.11 6.53
N THR A 474 12.99 11.35 6.41
CA THR A 474 14.36 11.60 6.01
C THR A 474 15.32 11.45 7.20
N ARG A 475 16.58 11.16 6.88
CA ARG A 475 17.64 10.81 7.83
C ARG A 475 18.03 11.95 8.79
N LEU A 480 12.84 16.66 19.92
CA LEU A 480 11.94 16.27 18.83
C LEU A 480 10.57 15.78 19.35
N PRO A 481 10.50 15.10 20.53
CA PRO A 481 11.49 14.47 21.43
C PRO A 481 12.03 13.13 20.93
N ASP A 482 13.31 12.85 21.16
CA ASP A 482 13.87 11.58 20.71
C ASP A 482 13.38 10.44 21.61
N ALA A 483 13.86 9.22 21.31
CA ALA A 483 13.38 8.03 22.01
C ALA A 483 13.66 8.11 23.51
N TYR A 484 14.90 8.46 23.88
CA TYR A 484 15.29 8.55 25.29
C TYR A 484 14.39 9.56 26.01
N GLU A 485 14.23 10.75 25.42
CA GLU A 485 13.42 11.80 26.00
C GLU A 485 11.97 11.37 26.15
N SER A 486 11.45 10.63 25.19
CA SER A 486 10.09 10.13 25.25
C SER A 486 9.90 9.15 26.39
N LEU A 487 10.93 8.38 26.72
CA LEU A 487 10.81 7.44 27.82
C LEU A 487 10.85 8.16 29.16
N ILE A 488 11.74 9.14 29.30
CA ILE A 488 11.75 9.97 30.51
C ILE A 488 10.40 10.66 30.68
N ASN A 489 9.85 11.19 29.57
CA ASN A 489 8.51 11.77 29.64
C ASN A 489 7.48 10.71 30.04
N ASP A 490 7.60 9.50 29.49
CA ASP A 490 6.67 8.41 29.86
C ASP A 490 6.70 8.16 31.37
N ALA A 491 7.89 8.17 31.98
CA ALA A 491 7.98 7.95 33.42
C ALA A 491 7.32 9.09 34.20
N LEU A 492 7.52 10.33 33.77
CA LEU A 492 6.82 11.47 34.39
C LEU A 492 5.30 11.35 34.24
N LEU A 493 4.84 10.77 33.14
CA LEU A 493 3.40 10.62 32.96
C LEU A 493 2.87 9.33 33.58
N GLY A 494 3.74 8.48 34.11
CA GLY A 494 3.30 7.24 34.72
C GLY A 494 2.93 6.15 33.73
N ASN A 495 3.57 6.11 32.57
CA ASN A 495 3.25 5.12 31.54
C ASN A 495 4.41 4.13 31.47
N SER A 496 4.19 2.92 31.97
CA SER A 496 5.23 1.91 32.07
C SER A 496 5.31 0.97 30.85
N THR A 497 4.57 1.24 29.76
CA THR A 497 4.47 0.31 28.64
C THR A 497 5.81 -0.15 28.09
N ASN A 498 6.71 0.80 27.80
CA ASN A 498 7.98 0.50 27.16
C ASN A 498 9.10 0.15 28.14
N PHE A 499 8.77 -0.17 29.38
CA PHE A 499 9.77 -0.50 30.39
C PHE A 499 9.62 -1.95 30.79
N VAL A 500 10.73 -2.67 30.98
CA VAL A 500 10.63 -4.11 31.20
C VAL A 500 10.21 -4.37 32.65
N ARG A 501 9.20 -5.22 32.82
CA ARG A 501 8.68 -5.51 34.13
C ARG A 501 9.51 -6.60 34.80
N LYS A 502 9.31 -6.75 36.11
CA LYS A 502 10.15 -7.67 36.88
C LYS A 502 9.99 -9.11 36.39
N ASP A 503 8.75 -9.54 36.17
CA ASP A 503 8.53 -10.91 35.70
C ASP A 503 8.97 -11.06 34.25
N GLU A 504 8.67 -10.05 33.42
CA GLU A 504 9.15 -9.99 32.03
C GLU A 504 10.66 -10.19 31.93
N LEU A 505 11.41 -9.52 32.80
CA LEU A 505 12.87 -9.56 32.79
C LEU A 505 13.39 -10.96 33.12
N ASP A 506 12.80 -11.61 34.12
CA ASP A 506 13.24 -12.95 34.47
C ASP A 506 13.00 -13.92 33.31
N VAL A 507 11.82 -13.88 32.70
CA VAL A 507 11.58 -14.77 31.56
C VAL A 507 12.60 -14.50 30.47
N ALA A 508 12.85 -13.22 30.16
CA ALA A 508 13.83 -12.91 29.13
C ALA A 508 15.22 -13.48 29.46
N TRP A 509 15.65 -13.40 30.73
CA TRP A 509 16.98 -13.94 31.04
C TRP A 509 17.02 -15.45 30.90
N ARG A 510 15.91 -16.13 31.18
CA ARG A 510 15.85 -17.58 31.02
C ARG A 510 15.90 -18.02 29.56
N ILE A 511 15.49 -17.16 28.63
CA ILE A 511 15.62 -17.46 27.21
C ILE A 511 17.09 -17.48 26.79
N PHE A 512 17.91 -16.59 27.36
CA PHE A 512 19.26 -16.32 26.90
C PHE A 512 20.37 -16.93 27.75
N THR A 513 20.11 -17.22 29.02
CA THR A 513 21.20 -17.55 29.94
C THR A 513 21.90 -18.87 29.64
N PRO A 514 21.19 -19.95 29.29
CA PRO A 514 21.92 -21.16 28.86
C PRO A 514 22.88 -20.89 27.71
N LEU A 515 22.47 -20.13 26.69
CA LEU A 515 23.40 -19.74 25.62
C LEU A 515 24.58 -18.95 26.16
N LEU A 516 24.30 -17.93 26.98
CA LEU A 516 25.38 -17.10 27.51
C LEU A 516 26.37 -17.94 28.31
N HIS A 517 25.88 -18.92 29.06
CA HIS A 517 26.81 -19.82 29.76
C HIS A 517 27.64 -20.64 28.77
N GLN A 518 27.02 -21.15 27.69
CA GLN A 518 27.77 -21.93 26.71
C GLN A 518 28.86 -21.06 26.07
N ILE A 519 28.53 -19.80 25.76
CA ILE A 519 29.52 -18.90 25.19
C ILE A 519 30.65 -18.64 26.19
N ASP A 520 30.30 -18.40 27.45
CA ASP A 520 31.34 -18.13 28.43
C ASP A 520 32.23 -19.35 28.68
N SER A 521 31.76 -20.56 28.41
CA SER A 521 32.59 -21.76 28.47
C SER A 521 33.34 -22.02 27.16
N GLY A 522 33.22 -21.13 26.18
CA GLY A 522 33.92 -21.29 24.91
C GLY A 522 33.32 -22.30 23.96
N GLU A 523 32.07 -22.70 24.18
CA GLU A 523 31.51 -23.78 23.38
C GLU A 523 31.26 -23.32 21.94
N ILE A 524 30.96 -22.04 21.73
CA ILE A 524 31.03 -21.43 20.42
C ILE A 524 31.86 -20.17 20.55
N LYS A 525 32.44 -19.74 19.43
CA LYS A 525 33.46 -18.71 19.44
C LYS A 525 33.24 -17.78 18.27
N PRO A 526 33.59 -16.51 18.42
CA PRO A 526 33.31 -15.54 17.36
C PRO A 526 34.21 -15.75 16.16
N ILE A 527 33.62 -15.57 14.98
CA ILE A 527 34.34 -15.60 13.71
C ILE A 527 34.80 -14.17 13.40
N PRO A 528 36.06 -13.95 13.01
CA PRO A 528 36.49 -12.59 12.69
C PRO A 528 35.77 -12.08 11.46
N TYR A 529 35.53 -10.76 11.43
CA TYR A 529 35.04 -10.10 10.22
C TYR A 529 35.64 -8.70 10.19
N GLN A 530 35.95 -8.20 9.00
CA GLN A 530 36.57 -6.89 8.91
C GLN A 530 35.55 -5.80 9.19
N ALA A 531 35.94 -4.83 10.00
CA ALA A 531 35.08 -3.66 10.20
C ALA A 531 34.65 -3.13 8.84
N GLY A 532 33.35 -2.83 8.71
CA GLY A 532 32.78 -2.31 7.48
C GLY A 532 32.15 -3.34 6.58
N THR A 533 32.39 -4.62 6.79
CA THR A 533 31.69 -5.65 6.02
C THR A 533 30.34 -5.94 6.69
N ARG A 534 29.58 -6.88 6.12
CA ARG A 534 28.31 -7.29 6.74
C ARG A 534 28.52 -8.10 8.02
N GLY A 535 29.67 -8.73 8.17
CA GLY A 535 29.90 -9.68 9.24
C GLY A 535 30.45 -10.99 8.70
N PRO A 536 30.49 -12.01 9.55
CA PRO A 536 30.98 -13.32 9.09
C PRO A 536 30.06 -13.88 8.01
N LYS A 537 30.66 -14.40 6.94
CA LYS A 537 29.88 -15.04 5.86
C LYS A 537 28.97 -16.11 6.43
N GLU A 538 29.40 -16.79 7.49
CA GLU A 538 28.59 -17.85 8.09
C GLU A 538 27.29 -17.30 8.69
N ALA A 539 27.25 -16.01 9.06
CA ALA A 539 26.01 -15.45 9.59
C ALA A 539 24.95 -15.35 8.50
N ASP A 540 25.34 -14.90 7.30
CA ASP A 540 24.38 -14.90 6.20
C ASP A 540 24.00 -16.31 5.77
N GLU A 541 24.93 -17.27 5.82
CA GLU A 541 24.54 -18.66 5.54
C GLU A 541 23.50 -19.16 6.54
N PHE A 542 23.72 -18.88 7.83
CA PHE A 542 22.74 -19.23 8.87
C PHE A 542 21.38 -18.58 8.62
N ILE A 543 21.38 -17.29 8.27
CA ILE A 543 20.12 -16.61 7.99
C ILE A 543 19.39 -17.33 6.84
N ALA A 544 20.11 -17.63 5.75
CA ALA A 544 19.47 -18.31 4.62
C ALA A 544 19.00 -19.72 4.99
N ASN A 545 19.68 -20.38 5.93
CA ASN A 545 19.26 -21.69 6.40
C ASN A 545 18.08 -21.64 7.35
N ASN A 546 17.69 -20.46 7.80
CA ASN A 546 16.62 -20.39 8.79
C ASN A 546 15.42 -19.62 8.27
N GLY A 547 15.11 -19.79 6.99
CA GLY A 547 13.82 -19.39 6.45
C GLY A 547 13.80 -18.04 5.76
N PHE A 548 14.88 -17.27 5.83
CA PHE A 548 14.91 -15.98 5.16
C PHE A 548 15.12 -16.18 3.65
N LYS A 549 14.53 -15.28 2.87
CA LYS A 549 14.71 -15.29 1.43
C LYS A 549 14.96 -13.88 0.94
N HIS A 550 15.94 -13.72 0.06
CA HIS A 550 16.28 -12.39 -0.42
C HIS A 550 15.28 -11.98 -1.50
N GLN A 551 14.88 -10.72 -1.46
CA GLN A 551 13.95 -10.21 -2.45
C GLN A 551 14.59 -10.21 -3.84
N LYS A 552 13.82 -10.65 -4.84
CA LYS A 552 14.26 -10.69 -6.23
C LYS A 552 15.61 -11.38 -6.41
N HIS B 7 9.95 13.03 -61.00
CA HIS B 7 8.55 12.66 -60.80
C HIS B 7 8.32 12.25 -59.35
N ALA B 8 9.36 11.67 -58.74
CA ALA B 8 9.24 11.22 -57.35
C ALA B 8 8.93 12.39 -56.42
N ASP B 9 9.60 13.52 -56.62
CA ASP B 9 9.34 14.69 -55.78
C ASP B 9 8.01 15.34 -56.09
N GLN B 10 7.52 15.21 -57.33
CA GLN B 10 6.20 15.74 -57.65
C GLN B 10 5.11 14.96 -56.91
N ASP B 11 5.23 13.63 -56.86
CA ASP B 11 4.30 12.84 -56.07
C ASP B 11 4.47 13.08 -54.58
N ALA B 12 5.72 13.20 -54.12
CA ALA B 12 5.97 13.45 -52.70
C ALA B 12 5.42 14.80 -52.27
N TYR B 13 5.51 15.80 -53.15
CA TYR B 13 5.01 17.13 -52.79
C TYR B 13 3.49 17.13 -52.66
N VAL B 14 2.79 16.59 -53.67
CA VAL B 14 1.33 16.55 -53.62
C VAL B 14 0.86 15.74 -52.41
N ALA B 15 1.54 14.62 -52.14
CA ALA B 15 1.26 13.82 -50.96
C ALA B 15 1.32 14.67 -49.69
N ASP B 16 2.41 15.42 -49.51
CA ASP B 16 2.53 16.26 -48.33
C ASP B 16 1.40 17.29 -48.28
N VAL B 17 1.14 17.97 -49.40
CA VAL B 17 0.08 18.97 -49.44
C VAL B 17 -1.26 18.35 -49.03
N ASP B 18 -1.61 17.21 -49.65
CA ASP B 18 -2.86 16.55 -49.31
C ASP B 18 -2.86 16.10 -47.87
N GLY B 19 -1.69 15.74 -47.33
CA GLY B 19 -1.60 15.37 -45.93
C GLY B 19 -1.96 16.51 -44.99
N ILE B 20 -1.37 17.70 -45.21
CA ILE B 20 -1.76 18.86 -44.40
C ILE B 20 -3.23 19.20 -44.59
N LEU B 21 -3.72 19.15 -45.84
CA LEU B 21 -5.12 19.49 -46.10
C LEU B 21 -6.08 18.54 -45.38
N ASP B 22 -5.77 17.23 -45.38
CA ASP B 22 -6.62 16.26 -44.69
C ASP B 22 -6.71 16.56 -43.21
N VAL B 23 -5.57 16.93 -42.60
CA VAL B 23 -5.58 17.28 -41.18
C VAL B 23 -6.45 18.50 -40.95
N LEU B 24 -6.26 19.53 -41.78
CA LEU B 24 -7.00 20.78 -41.57
C LEU B 24 -8.50 20.54 -41.70
N ARG B 25 -8.91 19.80 -42.73
CA ARG B 25 -10.33 19.50 -42.90
C ARG B 25 -10.89 18.77 -41.69
N ALA B 26 -10.12 17.81 -41.16
CA ALA B 26 -10.56 17.10 -39.97
C ALA B 26 -10.71 18.03 -38.79
N GLN B 27 -9.75 18.94 -38.61
CA GLN B 27 -9.82 19.87 -37.48
C GLN B 27 -11.01 20.80 -37.61
N VAL B 28 -11.31 21.27 -38.83
CA VAL B 28 -12.45 22.15 -39.02
C VAL B 28 -13.76 21.39 -38.81
N LEU B 29 -13.87 20.20 -39.39
CA LEU B 29 -15.12 19.43 -39.26
C LEU B 29 -15.39 19.03 -37.82
N GLU B 30 -14.34 18.84 -37.02
CA GLU B 30 -14.50 18.41 -35.63
C GLU B 30 -14.68 19.59 -34.69
N ARG B 31 -13.83 20.60 -34.81
CA ARG B 31 -13.87 21.76 -33.92
C ARG B 31 -14.89 22.80 -34.37
N LYS B 32 -15.65 22.51 -35.42
CA LYS B 32 -16.84 23.22 -35.87
C LYS B 32 -16.75 24.75 -35.85
N PRO B 33 -15.63 25.35 -36.28
CA PRO B 33 -15.51 26.81 -36.18
C PRO B 33 -16.48 27.51 -37.13
N ASP B 34 -16.94 28.68 -36.70
CA ASP B 34 -17.87 29.46 -37.52
C ASP B 34 -17.17 30.32 -38.55
N ASP B 35 -15.90 30.66 -38.34
CA ASP B 35 -15.05 31.26 -39.37
C ASP B 35 -14.08 30.16 -39.82
N ILE B 36 -14.42 29.49 -40.93
CA ILE B 36 -13.56 28.43 -41.45
C ILE B 36 -12.21 28.99 -41.86
N PHE B 37 -12.22 30.19 -42.45
CA PHE B 37 -10.98 30.76 -43.00
C PHE B 37 -9.98 31.06 -41.89
N GLN B 38 -10.42 31.72 -40.82
CA GLN B 38 -9.51 32.07 -39.72
C GLN B 38 -8.94 30.83 -39.07
N PHE B 39 -9.78 29.80 -38.89
CA PHE B 39 -9.35 28.57 -38.21
C PHE B 39 -8.29 27.83 -39.04
N ILE B 40 -8.46 27.78 -40.35
CA ILE B 40 -7.48 27.10 -41.21
C ILE B 40 -6.12 27.76 -41.07
N SER B 41 -6.09 29.10 -40.98
CA SER B 41 -4.83 29.84 -40.90
C SER B 41 -4.13 29.61 -39.55
N LYS B 42 -4.87 29.73 -38.45
CA LYS B 42 -4.25 29.50 -37.14
C LYS B 42 -3.69 28.09 -37.04
N SER B 43 -4.43 27.09 -37.54
CA SER B 43 -3.95 25.71 -37.46
C SER B 43 -2.71 25.51 -38.31
N ALA B 44 -2.72 26.01 -39.55
CA ALA B 44 -1.63 25.76 -40.48
C ALA B 44 -0.30 26.27 -39.93
N LEU B 45 -0.29 27.49 -39.40
CA LEU B 45 0.94 28.00 -38.79
C LEU B 45 1.32 27.20 -37.55
N SER B 46 0.33 26.78 -36.77
CA SER B 46 0.60 26.01 -35.56
C SER B 46 1.17 24.63 -35.88
N LEU B 47 0.69 24.00 -36.96
CA LEU B 47 1.21 22.69 -37.36
C LEU B 47 2.67 22.77 -37.78
N GLN B 48 3.07 23.87 -38.41
CA GLN B 48 4.48 24.09 -38.70
C GLN B 48 5.30 24.08 -37.42
N LYS B 49 4.82 24.78 -36.38
CA LYS B 49 5.52 24.82 -35.10
C LYS B 49 5.55 23.45 -34.43
N ASP B 50 4.51 22.63 -34.62
CA ASP B 50 4.47 21.32 -33.98
C ASP B 50 5.54 20.39 -34.54
N ARG B 51 5.81 20.44 -35.84
CA ARG B 51 7.10 19.94 -36.30
C ARG B 51 8.13 21.03 -36.54
N LYS B 64 5.30 -10.47 -29.68
CA LYS B 64 4.93 -9.68 -30.85
C LYS B 64 5.38 -10.37 -32.14
N ASP B 65 6.49 -11.10 -32.07
CA ASP B 65 7.04 -11.78 -33.24
C ASP B 65 6.13 -12.87 -33.78
N GLU B 66 5.13 -13.29 -33.00
CA GLU B 66 4.19 -14.32 -33.42
C GLU B 66 3.12 -13.81 -34.38
N GLN B 67 2.97 -12.49 -34.52
CA GLN B 67 2.03 -11.90 -35.47
C GLN B 67 2.70 -11.03 -36.53
N LYS B 68 4.02 -10.86 -36.47
CA LYS B 68 4.81 -10.56 -37.67
C LYS B 68 4.89 -11.78 -38.58
N SER B 69 4.42 -12.92 -38.13
CA SER B 69 4.73 -14.19 -38.76
C SER B 69 3.69 -14.61 -39.79
N ARG B 70 2.42 -14.24 -39.61
CA ARG B 70 1.36 -14.57 -40.56
C ARG B 70 0.56 -13.32 -40.91
N ALA B 71 -0.05 -13.35 -42.10
CA ALA B 71 -0.91 -12.26 -42.52
C ALA B 71 -2.06 -12.06 -41.56
N LEU B 72 -2.48 -10.81 -41.39
CA LEU B 72 -3.65 -10.48 -40.59
C LEU B 72 -4.63 -9.66 -41.42
N THR B 73 -5.90 -10.04 -41.39
CA THR B 73 -6.96 -9.24 -41.96
C THR B 73 -8.00 -8.96 -40.89
N ILE B 74 -8.34 -7.68 -40.73
CA ILE B 74 -9.43 -7.24 -39.88
C ILE B 74 -10.57 -6.77 -40.79
N ILE B 75 -11.74 -7.38 -40.63
CA ILE B 75 -12.92 -7.05 -41.43
C ILE B 75 -13.94 -6.43 -40.51
N VAL B 76 -14.29 -5.18 -40.76
CA VAL B 76 -15.24 -4.44 -39.93
C VAL B 76 -16.56 -4.38 -40.69
N PHE B 77 -17.51 -5.23 -40.30
CA PHE B 77 -18.89 -5.16 -40.81
C PHE B 77 -19.64 -4.03 -40.16
N GLY B 78 -20.54 -3.40 -40.92
CA GLY B 78 -21.17 -2.20 -40.42
C GLY B 78 -20.26 -0.98 -40.41
N ALA B 79 -19.23 -1.00 -41.25
CA ALA B 79 -18.19 0.04 -41.30
C ALA B 79 -18.74 1.44 -41.59
N SER B 80 -19.93 1.54 -42.18
CA SER B 80 -20.59 2.81 -42.42
C SER B 80 -21.17 3.43 -41.17
N GLY B 81 -21.25 2.68 -40.07
CA GLY B 81 -22.05 3.07 -38.93
C GLY B 81 -21.33 3.93 -37.92
N ASP B 82 -22.09 4.28 -36.88
CA ASP B 82 -21.64 5.22 -35.84
C ASP B 82 -20.52 4.64 -34.98
N LEU B 83 -20.69 3.41 -34.50
CA LEU B 83 -19.64 2.78 -33.71
C LEU B 83 -18.36 2.62 -34.52
N ALA B 84 -18.48 2.21 -35.79
CA ALA B 84 -17.31 1.97 -36.61
C ALA B 84 -16.50 3.24 -36.82
N LYS B 85 -17.14 4.31 -37.26
CA LYS B 85 -16.33 5.49 -37.59
C LYS B 85 -15.87 6.23 -36.35
N LYS B 86 -16.67 6.24 -35.29
CA LYS B 86 -16.36 7.02 -34.11
C LYS B 86 -15.49 6.28 -33.11
N LYS B 87 -15.55 4.95 -33.05
CA LYS B 87 -14.82 4.20 -32.04
C LYS B 87 -13.89 3.15 -32.62
N THR B 88 -14.37 2.29 -33.53
CA THR B 88 -13.58 1.11 -33.90
C THR B 88 -12.37 1.47 -34.74
N PHE B 89 -12.59 2.15 -35.87
CA PHE B 89 -11.45 2.59 -36.68
C PHE B 89 -10.50 3.51 -35.93
N PRO B 90 -10.93 4.48 -35.12
CA PRO B 90 -9.93 5.27 -34.36
C PRO B 90 -9.16 4.46 -33.34
N ALA B 91 -9.82 3.49 -32.68
CA ALA B 91 -9.11 2.54 -31.82
C ALA B 91 -8.05 1.78 -32.61
N LEU B 92 -8.40 1.35 -33.83
CA LEU B 92 -7.44 0.67 -34.68
C LEU B 92 -6.30 1.60 -35.08
N PHE B 93 -6.61 2.87 -35.32
CA PHE B 93 -5.57 3.85 -35.56
C PHE B 93 -4.62 3.96 -34.35
N ASP B 94 -5.18 4.00 -33.14
CA ASP B 94 -4.33 4.12 -31.95
C ASP B 94 -3.45 2.89 -31.77
N LEU B 95 -3.97 1.69 -32.03
CA LEU B 95 -3.13 0.50 -31.96
C LEU B 95 -2.04 0.57 -33.02
N TYR B 96 -2.37 1.08 -34.22
CA TYR B 96 -1.37 1.23 -35.27
C TYR B 96 -0.21 2.11 -34.82
N CYS B 97 -0.54 3.26 -34.20
CA CYS B 97 0.51 4.16 -33.76
C CYS B 97 1.32 3.58 -32.61
N GLY B 98 0.70 2.77 -31.76
CA GLY B 98 1.40 2.16 -30.65
C GLY B 98 2.21 0.95 -31.06
N GLY B 99 2.25 0.69 -32.37
CA GLY B 99 3.01 -0.42 -32.89
C GLY B 99 2.43 -1.78 -32.57
N LEU B 100 1.12 -1.87 -32.31
CA LEU B 100 0.47 -3.10 -31.87
C LEU B 100 -0.28 -3.83 -32.99
N LEU B 101 -0.21 -3.32 -34.26
CA LEU B 101 -0.70 -4.08 -35.42
C LEU B 101 0.47 -4.57 -36.25
N PRO B 102 0.36 -5.74 -36.87
CA PRO B 102 1.44 -6.23 -37.72
C PRO B 102 1.71 -5.27 -38.86
N PRO B 103 2.96 -5.18 -39.32
CA PRO B 103 3.33 -4.12 -40.26
C PRO B 103 2.54 -4.11 -41.57
N GLU B 104 2.07 -5.26 -42.04
CA GLU B 104 1.32 -5.34 -43.30
C GLU B 104 -0.16 -5.66 -43.09
N VAL B 105 -0.73 -5.23 -41.95
CA VAL B 105 -2.12 -5.54 -41.65
C VAL B 105 -3.04 -4.94 -42.71
N ASN B 106 -4.11 -5.66 -43.01
CA ASN B 106 -5.09 -5.28 -44.01
C ASN B 106 -6.45 -5.14 -43.35
N ILE B 107 -7.03 -3.96 -43.46
CA ILE B 107 -8.28 -3.61 -42.81
C ILE B 107 -9.32 -3.37 -43.91
N ILE B 108 -10.43 -4.12 -43.86
CA ILE B 108 -11.50 -4.00 -44.86
C ILE B 108 -12.78 -3.57 -44.15
N GLY B 109 -13.29 -2.40 -44.49
CA GLY B 109 -14.61 -2.01 -44.03
C GLY B 109 -15.63 -2.62 -44.98
N TYR B 110 -16.68 -3.23 -44.42
CA TYR B 110 -17.68 -3.95 -45.21
C TYR B 110 -19.06 -3.47 -44.78
N ALA B 111 -19.84 -2.93 -45.71
CA ALA B 111 -21.16 -2.40 -45.38
C ALA B 111 -22.00 -2.28 -46.65
N ARG B 112 -23.33 -2.17 -46.46
CA ARG B 112 -24.23 -2.07 -47.60
C ARG B 112 -24.22 -0.70 -48.25
N THR B 113 -23.81 0.32 -47.50
CA THR B 113 -23.87 1.69 -47.98
C THR B 113 -23.01 1.86 -49.21
N LYS B 114 -23.61 2.43 -50.25
CA LYS B 114 -22.89 2.69 -51.48
C LYS B 114 -21.94 3.86 -51.24
N VAL B 115 -20.70 3.72 -51.69
CA VAL B 115 -19.67 4.73 -51.54
C VAL B 115 -19.03 4.89 -52.91
N ASP B 116 -19.42 5.95 -53.64
CA ASP B 116 -18.88 6.21 -54.97
C ASP B 116 -17.41 6.60 -54.95
N ASP B 117 -16.91 7.11 -53.83
CA ASP B 117 -15.53 7.64 -53.74
C ASP B 117 -14.92 7.16 -52.42
N VAL B 118 -14.22 6.02 -52.48
CA VAL B 118 -13.77 5.37 -51.25
C VAL B 118 -12.66 6.19 -50.58
N GLU B 119 -11.74 6.76 -51.37
CA GLU B 119 -10.66 7.55 -50.78
C GLU B 119 -11.20 8.77 -50.05
N LYS B 120 -12.30 9.36 -50.56
CA LYS B 120 -12.92 10.46 -49.85
C LYS B 120 -13.50 9.99 -48.53
N TRP B 121 -14.11 8.81 -48.51
CA TRP B 121 -14.64 8.24 -47.28
C TRP B 121 -13.51 8.02 -46.27
N LYS B 122 -12.38 7.47 -46.71
CA LYS B 122 -11.27 7.24 -45.79
C LYS B 122 -10.70 8.55 -45.23
N HIS B 123 -10.51 9.55 -46.09
CA HIS B 123 -9.78 10.75 -45.69
C HIS B 123 -10.67 11.83 -45.08
N GLU B 124 -11.97 11.84 -45.40
CA GLU B 124 -12.87 12.84 -44.84
C GLU B 124 -13.79 12.29 -43.76
N THR B 125 -14.39 11.11 -43.98
CA THR B 125 -15.28 10.55 -42.96
C THR B 125 -14.50 9.88 -41.83
N LEU B 126 -13.65 8.90 -42.16
CA LEU B 126 -12.91 8.18 -41.12
C LEU B 126 -11.92 9.09 -40.38
N MET B 127 -11.09 9.81 -41.13
CA MET B 127 -9.99 10.57 -40.52
C MET B 127 -10.51 11.66 -39.59
N LYS B 128 -11.73 12.14 -39.81
CA LYS B 128 -12.31 13.16 -38.94
C LYS B 128 -12.26 12.75 -37.47
N TYR B 129 -12.37 11.45 -37.18
CA TYR B 129 -12.47 10.97 -35.82
C TYR B 129 -11.16 10.45 -35.24
N PHE B 130 -10.08 10.44 -36.03
CA PHE B 130 -8.77 10.12 -35.47
C PHE B 130 -8.31 11.25 -34.55
N SER B 131 -7.73 10.88 -33.41
CA SER B 131 -7.35 11.85 -32.39
C SER B 131 -5.89 12.26 -32.52
N ASN B 132 -5.60 13.49 -32.09
CA ASN B 132 -4.23 14.04 -32.08
C ASN B 132 -3.64 14.09 -33.49
N LEU B 133 -4.45 14.52 -34.45
CA LEU B 133 -3.97 14.70 -35.82
C LEU B 133 -2.90 15.79 -35.90
N SER B 134 -2.88 16.73 -34.93
CA SER B 134 -1.78 17.69 -34.82
C SER B 134 -0.43 16.99 -34.97
N GLU B 135 -0.19 15.96 -34.17
CA GLU B 135 1.10 15.29 -34.16
C GLU B 135 1.13 13.97 -34.92
N ARG B 136 -0.02 13.39 -35.26
CA ARG B 136 -0.04 12.06 -35.87
C ARG B 136 -0.58 12.07 -37.30
N GLY B 137 -0.63 13.25 -37.94
CA GLY B 137 -1.27 13.34 -39.25
C GLY B 137 -0.63 12.48 -40.30
N SER B 138 0.70 12.51 -40.39
CA SER B 138 1.38 11.68 -41.37
C SER B 138 1.22 10.19 -41.05
N HIS B 139 1.09 9.86 -39.76
CA HIS B 139 0.73 8.50 -39.37
C HIS B 139 -0.68 8.14 -39.84
N ALA B 140 -1.62 9.09 -39.72
CA ALA B 140 -2.98 8.84 -40.17
C ALA B 140 -3.02 8.54 -41.66
N GLU B 141 -2.23 9.26 -42.46
CA GLU B 141 -2.14 8.97 -43.89
C GLU B 141 -1.53 7.60 -44.14
N ASP B 142 -0.50 7.22 -43.38
CA ASP B 142 0.06 5.88 -43.51
C ASP B 142 -0.98 4.81 -43.17
N PHE B 143 -1.75 5.06 -42.10
CA PHE B 143 -2.73 4.07 -41.64
C PHE B 143 -3.80 3.83 -42.71
N LEU B 144 -4.32 4.91 -43.31
CA LEU B 144 -5.37 4.78 -44.32
C LEU B 144 -4.95 3.97 -45.54
N LYS B 145 -3.64 3.85 -45.81
CA LYS B 145 -3.23 2.97 -46.90
C LYS B 145 -3.54 1.51 -46.61
N HIS B 146 -3.82 1.15 -45.35
CA HIS B 146 -4.17 -0.22 -44.98
C HIS B 146 -5.66 -0.49 -45.03
N ILE B 147 -6.49 0.52 -45.30
CA ILE B 147 -7.93 0.40 -45.23
C ILE B 147 -8.50 0.36 -46.65
N SER B 148 -9.36 -0.63 -46.92
CA SER B 148 -10.20 -0.65 -48.12
C SER B 148 -11.66 -0.79 -47.72
N TYR B 149 -12.56 -0.59 -48.69
CA TYR B 149 -14.00 -0.63 -48.46
C TYR B 149 -14.64 -1.61 -49.43
N PHE B 150 -15.49 -2.49 -48.90
CA PHE B 150 -16.20 -3.50 -49.67
C PHE B 150 -17.69 -3.24 -49.46
N CYS B 151 -18.37 -2.76 -50.51
CA CYS B 151 -19.81 -2.55 -50.47
C CYS B 151 -20.49 -3.88 -50.80
N GLY B 152 -21.20 -4.45 -49.84
CA GLY B 152 -21.69 -5.80 -49.99
C GLY B 152 -22.84 -6.05 -49.05
N ALA B 153 -23.44 -7.24 -49.21
CA ALA B 153 -24.57 -7.67 -48.40
C ALA B 153 -24.08 -8.65 -47.35
N TYR B 154 -24.71 -8.61 -46.17
CA TYR B 154 -24.33 -9.51 -45.09
C TYR B 154 -24.90 -10.90 -45.26
N ASP B 155 -25.84 -11.09 -46.19
CA ASP B 155 -26.54 -12.35 -46.34
C ASP B 155 -26.36 -12.93 -47.75
N SER B 156 -25.26 -12.59 -48.40
CA SER B 156 -24.96 -13.01 -49.77
C SER B 156 -23.85 -14.06 -49.82
N VAL B 157 -24.19 -15.27 -50.27
CA VAL B 157 -23.16 -16.27 -50.54
C VAL B 157 -22.17 -15.73 -51.55
N ASP B 158 -22.66 -15.07 -52.59
CA ASP B 158 -21.75 -14.65 -53.65
C ASP B 158 -20.85 -13.51 -53.20
N ASP B 159 -21.40 -12.53 -52.47
CA ASP B 159 -20.54 -11.46 -51.97
C ASP B 159 -19.43 -12.01 -51.06
N PHE B 160 -19.73 -13.03 -50.28
CA PHE B 160 -18.71 -13.54 -49.37
C PHE B 160 -17.68 -14.37 -50.11
N LYS B 161 -18.06 -15.05 -51.20
CA LYS B 161 -17.07 -15.60 -52.11
C LYS B 161 -16.18 -14.50 -52.66
N ARG B 162 -16.76 -13.36 -53.07
CA ARG B 162 -15.96 -12.26 -53.60
C ARG B 162 -15.05 -11.67 -52.53
N LEU B 163 -15.59 -11.50 -51.31
CA LEU B 163 -14.76 -11.00 -50.20
C LEU B 163 -13.60 -11.96 -49.92
N ASP B 164 -13.88 -13.26 -49.89
CA ASP B 164 -12.82 -14.24 -49.61
C ASP B 164 -11.72 -14.15 -50.65
N ALA B 165 -12.07 -13.93 -51.91
CA ALA B 165 -11.05 -13.79 -52.96
C ALA B 165 -10.19 -12.55 -52.74
N VAL B 166 -10.80 -11.43 -52.32
CA VAL B 166 -10.04 -10.23 -52.01
C VAL B 166 -9.08 -10.50 -50.85
N ILE B 167 -9.58 -11.14 -49.80
CA ILE B 167 -8.76 -11.41 -48.62
C ILE B 167 -7.61 -12.34 -48.98
N ARG B 168 -7.91 -13.39 -49.77
CA ARG B 168 -6.89 -14.37 -50.10
C ARG B 168 -5.80 -13.78 -50.96
N GLU B 169 -6.17 -12.91 -51.91
CA GLU B 169 -5.15 -12.27 -52.73
C GLU B 169 -4.13 -11.58 -51.85
N LYS B 170 -4.60 -10.90 -50.82
CA LYS B 170 -3.62 -10.12 -50.10
C LYS B 170 -2.93 -10.95 -49.02
N GLU B 171 -3.62 -11.95 -48.45
CA GLU B 171 -2.94 -12.97 -47.65
C GLU B 171 -1.83 -13.62 -48.45
N ASN B 172 -2.09 -13.96 -49.71
CA ASN B 172 -1.14 -14.75 -50.48
C ASN B 172 0.04 -13.94 -50.99
N ALA B 173 -0.01 -12.62 -50.93
CA ALA B 173 1.15 -11.76 -51.21
C ALA B 173 2.01 -11.51 -49.99
N PHE B 174 1.69 -12.11 -48.83
CA PHE B 174 2.31 -11.73 -47.58
C PHE B 174 3.81 -12.01 -47.57
N LYS B 175 4.56 -11.08 -46.98
CA LYS B 175 6.02 -11.19 -46.78
C LYS B 175 6.25 -11.79 -45.41
N GLY B 176 6.30 -13.13 -45.33
CA GLY B 176 6.48 -13.79 -44.06
C GLY B 176 6.55 -15.30 -44.14
N PRO B 177 6.95 -15.93 -43.03
CA PRO B 177 7.20 -17.39 -43.03
C PRO B 177 5.96 -18.28 -43.14
N GLU B 178 4.93 -18.05 -42.31
CA GLU B 178 3.76 -18.93 -42.37
C GLU B 178 2.79 -18.49 -43.45
N LYS B 179 2.02 -19.45 -43.96
CA LYS B 179 1.08 -19.20 -45.04
C LYS B 179 -0.33 -19.02 -44.47
N GLY B 180 -1.29 -18.80 -45.38
CA GLY B 180 -2.64 -18.50 -44.94
C GLY B 180 -2.72 -17.11 -44.31
N GLY B 181 -3.51 -17.01 -43.25
CA GLY B 181 -3.74 -15.71 -42.64
C GLY B 181 -4.79 -15.77 -41.56
N ASN B 182 -4.62 -14.92 -40.54
CA ASN B 182 -5.53 -14.80 -39.43
C ASN B 182 -6.61 -13.79 -39.81
N ARG B 183 -7.86 -14.08 -39.46
CA ARG B 183 -8.96 -13.21 -39.82
C ARG B 183 -9.71 -12.80 -38.57
N LEU B 184 -9.81 -11.51 -38.35
CA LEU B 184 -10.56 -10.96 -37.23
C LEU B 184 -11.77 -10.23 -37.80
N PHE B 185 -12.98 -10.73 -37.51
CA PHE B 185 -14.20 -10.09 -37.97
C PHE B 185 -14.81 -9.27 -36.83
N TYR B 186 -15.14 -8.02 -37.11
CA TYR B 186 -15.77 -7.14 -36.13
C TYR B 186 -17.20 -6.85 -36.57
N LEU B 187 -18.18 -7.19 -35.74
CA LEU B 187 -19.60 -7.01 -36.08
C LEU B 187 -20.08 -5.69 -35.48
N ALA B 188 -19.81 -4.60 -36.17
CA ALA B 188 -20.32 -3.30 -35.76
C ALA B 188 -21.72 -3.09 -36.37
N LEU B 189 -22.64 -3.95 -35.92
CA LEU B 189 -23.94 -4.12 -36.53
C LEU B 189 -24.97 -4.26 -35.43
N PRO B 190 -26.25 -4.03 -35.73
CA PRO B 190 -27.31 -4.44 -34.82
C PRO B 190 -27.25 -5.94 -34.58
N PRO B 191 -27.57 -6.39 -33.37
CA PRO B 191 -27.53 -7.84 -33.08
C PRO B 191 -28.46 -8.67 -33.95
N SER B 192 -29.52 -8.07 -34.50
CA SER B 192 -30.44 -8.79 -35.38
C SER B 192 -29.74 -9.28 -36.64
N VAL B 193 -28.58 -8.72 -36.99
CA VAL B 193 -27.81 -9.17 -38.13
C VAL B 193 -26.77 -10.24 -37.79
N PHE B 194 -26.45 -10.46 -36.50
CA PHE B 194 -25.31 -11.30 -36.13
C PHE B 194 -25.41 -12.71 -36.73
N ALA B 195 -26.58 -13.35 -36.59
CA ALA B 195 -26.67 -14.76 -36.97
C ALA B 195 -26.50 -14.93 -38.48
N SER B 196 -27.03 -13.99 -39.26
CA SER B 196 -26.91 -14.09 -40.71
C SER B 196 -25.48 -13.81 -41.17
N VAL B 197 -24.81 -12.80 -40.60
CA VAL B 197 -23.45 -12.53 -41.07
C VAL B 197 -22.50 -13.64 -40.60
N CYS B 198 -22.75 -14.21 -39.40
CA CYS B 198 -21.91 -15.32 -38.96
C CYS B 198 -22.10 -16.53 -39.87
N GLU B 199 -23.33 -16.82 -40.27
CA GLU B 199 -23.53 -17.93 -41.20
C GLU B 199 -22.78 -17.67 -42.50
N SER B 200 -22.80 -16.43 -42.98
CA SER B 200 -22.09 -16.08 -44.21
C SER B 200 -20.58 -16.28 -44.08
N ILE B 201 -19.99 -15.86 -42.95
CA ILE B 201 -18.55 -16.04 -42.76
C ILE B 201 -18.20 -17.52 -42.79
N HIS B 202 -18.92 -18.30 -42.00
CA HIS B 202 -18.64 -19.73 -41.89
C HIS B 202 -18.77 -20.40 -43.24
N LYS B 203 -19.72 -19.96 -44.06
CA LYS B 203 -19.96 -20.60 -45.34
C LYS B 203 -18.90 -20.25 -46.38
N GLY B 204 -18.37 -19.03 -46.36
CA GLY B 204 -17.53 -18.60 -47.45
C GLY B 204 -16.30 -17.76 -47.16
N ALA B 205 -16.01 -17.46 -45.89
CA ALA B 205 -14.83 -16.64 -45.63
C ALA B 205 -14.07 -17.06 -44.37
N MET B 206 -14.11 -18.35 -44.02
CA MET B 206 -13.19 -18.89 -43.03
C MET B 206 -11.74 -18.85 -43.51
N PRO B 207 -10.78 -18.91 -42.57
CA PRO B 207 -9.36 -18.84 -42.96
C PRO B 207 -9.00 -19.97 -43.89
N GLN B 208 -7.96 -19.74 -44.69
CA GLN B 208 -7.44 -20.80 -45.53
C GLN B 208 -7.07 -22.02 -44.70
N GLU B 209 -7.33 -23.21 -45.25
CA GLU B 209 -7.03 -24.43 -44.49
C GLU B 209 -5.54 -24.54 -44.19
N VAL B 210 -4.68 -23.94 -45.03
CA VAL B 210 -3.25 -24.01 -44.78
C VAL B 210 -2.83 -23.26 -43.53
N GLY B 211 -3.64 -22.32 -43.04
CA GLY B 211 -3.32 -21.72 -41.76
C GLY B 211 -4.01 -20.42 -41.40
N GLY B 212 -4.15 -20.17 -40.10
CA GLY B 212 -4.76 -18.96 -39.60
C GLY B 212 -5.95 -19.23 -38.70
N TRP B 213 -6.09 -18.46 -37.62
CA TRP B 213 -7.28 -18.53 -36.79
C TRP B 213 -8.34 -17.55 -37.31
N VAL B 214 -9.55 -17.71 -36.78
CA VAL B 214 -10.61 -16.73 -37.00
C VAL B 214 -11.18 -16.34 -35.65
N ARG B 215 -11.36 -15.04 -35.44
CA ARG B 215 -12.01 -14.55 -34.25
C ARG B 215 -13.09 -13.58 -34.69
N VAL B 216 -14.20 -13.57 -33.96
CA VAL B 216 -15.34 -12.72 -34.28
C VAL B 216 -15.72 -11.92 -33.04
N ILE B 217 -15.60 -10.60 -33.12
CA ILE B 217 -16.03 -9.73 -32.02
C ILE B 217 -17.52 -9.43 -32.19
N ILE B 218 -18.29 -9.76 -31.15
CA ILE B 218 -19.74 -9.57 -31.07
C ILE B 218 -20.01 -8.34 -30.20
N GLU B 219 -20.80 -7.40 -30.72
CA GLU B 219 -21.21 -6.23 -29.94
C GLU B 219 -22.45 -6.52 -29.12
N LYS B 220 -22.62 -5.77 -28.04
CA LYS B 220 -23.83 -5.87 -27.24
C LYS B 220 -25.00 -5.20 -27.96
N PRO B 221 -26.25 -5.48 -27.54
CA PRO B 221 -26.72 -6.37 -26.47
C PRO B 221 -26.67 -7.87 -26.84
N PHE B 222 -26.29 -8.70 -25.86
CA PHE B 222 -26.37 -10.15 -25.99
C PHE B 222 -27.74 -10.59 -25.48
N GLY B 223 -28.76 -10.40 -26.32
CA GLY B 223 -30.11 -10.63 -25.87
C GLY B 223 -30.54 -9.59 -24.86
N ARG B 224 -31.70 -9.86 -24.25
CA ARG B 224 -32.22 -8.97 -23.22
C ARG B 224 -32.87 -9.74 -22.09
N ASP B 225 -32.72 -11.06 -22.05
CA ASP B 225 -33.14 -11.92 -20.94
C ASP B 225 -32.60 -13.31 -21.23
N THR B 226 -32.86 -14.23 -20.31
CA THR B 226 -32.32 -15.58 -20.44
C THR B 226 -32.73 -16.22 -21.77
N LYS B 227 -34.01 -16.14 -22.13
CA LYS B 227 -34.47 -16.85 -23.33
C LYS B 227 -33.86 -16.25 -24.60
N SER B 228 -33.97 -14.93 -24.76
CA SER B 228 -33.48 -14.31 -25.99
C SER B 228 -31.98 -14.43 -26.10
N SER B 229 -31.25 -14.31 -24.98
CA SER B 229 -29.80 -14.45 -25.05
C SER B 229 -29.42 -15.87 -25.42
N ALA B 230 -30.09 -16.87 -24.84
CA ALA B 230 -29.79 -18.25 -25.18
C ALA B 230 -30.10 -18.53 -26.66
N GLU B 231 -31.19 -17.97 -27.16
CA GLU B 231 -31.51 -18.15 -28.58
C GLU B 231 -30.41 -17.57 -29.47
N LEU B 232 -29.85 -16.42 -29.11
CA LEU B 232 -28.78 -15.86 -29.94
C LEU B 232 -27.53 -16.75 -29.86
N SER B 233 -27.14 -17.17 -28.64
CA SER B 233 -26.00 -18.08 -28.52
C SER B 233 -26.24 -19.38 -29.30
N GLN B 234 -27.42 -19.96 -29.16
CA GLN B 234 -27.72 -21.15 -29.96
C GLN B 234 -27.66 -20.85 -31.45
N ALA B 235 -27.97 -19.63 -31.86
CA ALA B 235 -27.87 -19.32 -33.30
C ALA B 235 -26.43 -19.20 -33.76
N LEU B 236 -25.53 -18.76 -32.89
CA LEU B 236 -24.15 -18.58 -33.30
C LEU B 236 -23.31 -19.83 -33.16
N GLU B 237 -23.66 -20.73 -32.25
CA GLU B 237 -22.76 -21.85 -31.97
C GLU B 237 -22.51 -22.83 -33.13
N PRO B 238 -23.42 -23.01 -34.11
CA PRO B 238 -23.02 -23.85 -35.26
C PRO B 238 -21.90 -23.23 -36.09
N PHE B 239 -21.62 -21.94 -35.95
CA PHE B 239 -20.62 -21.29 -36.79
C PHE B 239 -19.31 -21.00 -36.07
N PHE B 240 -19.34 -20.68 -34.78
CA PHE B 240 -18.10 -20.33 -34.09
C PHE B 240 -18.19 -20.83 -32.65
N ASP B 241 -17.09 -21.42 -32.20
CA ASP B 241 -17.04 -21.94 -30.84
C ASP B 241 -16.53 -20.85 -29.89
N GLU B 242 -16.37 -21.21 -28.63
CA GLU B 242 -16.07 -20.18 -27.63
C GLU B 242 -14.62 -19.72 -27.66
N SER B 243 -13.76 -20.37 -28.43
CA SER B 243 -12.43 -19.84 -28.64
C SER B 243 -12.39 -18.90 -29.82
N GLN B 244 -13.52 -18.71 -30.50
CA GLN B 244 -13.64 -17.86 -31.68
C GLN B 244 -14.50 -16.64 -31.44
N LEU B 245 -15.55 -16.76 -30.64
CA LEU B 245 -16.39 -15.61 -30.32
C LEU B 245 -15.79 -14.79 -29.18
N TYR B 246 -15.81 -13.46 -29.37
CA TYR B 246 -15.35 -12.47 -28.40
C TYR B 246 -16.48 -11.45 -28.20
N ARG B 247 -17.29 -11.66 -27.15
CA ARG B 247 -18.37 -10.76 -26.78
C ARG B 247 -17.80 -9.61 -25.95
N ILE B 248 -17.80 -8.40 -26.51
CA ILE B 248 -17.01 -7.32 -25.96
C ILE B 248 -17.86 -6.46 -25.04
N ASP B 249 -17.26 -6.02 -23.94
CA ASP B 249 -17.80 -5.00 -23.05
C ASP B 249 -16.76 -3.89 -23.00
N HIS B 250 -17.06 -2.76 -23.66
CA HIS B 250 -16.09 -1.67 -23.84
C HIS B 250 -15.60 -1.09 -22.51
N TYR B 251 -16.36 -1.23 -21.43
CA TYR B 251 -16.07 -0.56 -20.17
C TYR B 251 -15.13 -1.33 -19.26
N LEU B 252 -14.88 -2.61 -19.55
CA LEU B 252 -14.07 -3.45 -18.65
C LEU B 252 -12.62 -3.38 -19.11
N GLY B 253 -11.90 -2.35 -18.64
CA GLY B 253 -10.53 -2.17 -19.04
C GLY B 253 -9.54 -3.11 -18.37
N LYS B 254 -8.40 -3.29 -19.03
CA LYS B 254 -7.35 -4.17 -18.57
C LYS B 254 -6.79 -3.74 -17.21
N GLU B 255 -6.78 -2.43 -16.94
CA GLU B 255 -6.11 -1.95 -15.73
C GLU B 255 -6.91 -2.33 -14.48
N MET B 256 -8.23 -2.17 -14.53
CA MET B 256 -9.05 -2.58 -13.40
C MET B 256 -9.01 -4.09 -13.21
N VAL B 257 -9.00 -4.86 -14.29
CA VAL B 257 -9.01 -6.31 -14.14
C VAL B 257 -7.71 -6.79 -13.50
N GLN B 258 -6.57 -6.24 -13.91
CA GLN B 258 -5.31 -6.61 -13.29
C GLN B 258 -5.24 -6.13 -11.84
N ASN B 259 -5.80 -4.95 -11.55
CA ASN B 259 -5.91 -4.53 -10.16
C ASN B 259 -6.68 -5.56 -9.33
N ILE B 260 -7.77 -6.09 -9.89
CA ILE B 260 -8.58 -7.06 -9.16
C ILE B 260 -7.85 -8.39 -9.01
N ILE B 261 -7.23 -8.88 -10.10
CA ILE B 261 -6.67 -10.24 -10.10
C ILE B 261 -5.30 -10.28 -9.45
N THR B 262 -4.37 -9.44 -9.89
CA THR B 262 -3.00 -9.51 -9.41
C THR B 262 -2.90 -9.09 -7.95
N THR B 263 -3.55 -7.97 -7.57
CA THR B 263 -3.35 -7.47 -6.21
C THR B 263 -3.74 -8.50 -5.19
N ARG B 264 -4.76 -9.31 -5.49
CA ARG B 264 -5.22 -10.36 -4.59
C ARG B 264 -4.37 -11.63 -4.71
N PHE B 265 -4.38 -12.26 -5.89
CA PHE B 265 -3.88 -13.63 -6.02
C PHE B 265 -2.36 -13.73 -6.05
N ALA B 266 -1.67 -12.63 -6.32
CA ALA B 266 -0.21 -12.69 -6.24
C ALA B 266 0.31 -12.51 -4.83
N ASN B 267 -0.54 -12.11 -3.88
CA ASN B 267 -0.07 -11.60 -2.59
C ASN B 267 -0.73 -12.31 -1.41
N ARG B 268 0.10 -12.74 -0.46
CA ARG B 268 -0.43 -13.37 0.75
C ARG B 268 -1.31 -12.41 1.53
N ILE B 269 -0.90 -11.15 1.63
CA ILE B 269 -1.60 -10.24 2.52
C ILE B 269 -3.05 -10.09 2.10
N PHE B 270 -3.28 -9.85 0.81
CA PHE B 270 -4.66 -9.65 0.34
C PHE B 270 -5.39 -10.97 0.09
N SER B 271 -4.67 -12.02 -0.31
CA SER B 271 -5.32 -13.32 -0.51
C SER B 271 -6.01 -13.80 0.76
N ALA B 272 -5.38 -13.57 1.92
CA ALA B 272 -5.84 -14.14 3.18
C ALA B 272 -7.07 -13.42 3.75
N VAL B 273 -7.30 -12.15 3.41
CA VAL B 273 -8.46 -11.42 3.92
C VAL B 273 -9.60 -11.37 2.91
N TRP B 274 -9.46 -12.04 1.77
CA TRP B 274 -10.48 -11.94 0.70
C TRP B 274 -11.60 -12.95 0.92
N ASN B 275 -12.37 -12.77 1.99
CA ASN B 275 -13.33 -13.81 2.35
C ASN B 275 -14.24 -13.27 3.46
N ALA B 276 -15.27 -14.06 3.82
CA ALA B 276 -16.27 -13.61 4.80
C ALA B 276 -15.73 -13.53 6.23
N SER B 277 -14.65 -14.24 6.57
CA SER B 277 -14.11 -14.00 7.91
C SER B 277 -13.59 -12.58 8.08
N ASN B 278 -13.33 -11.86 6.99
CA ASN B 278 -12.67 -10.57 7.09
C ASN B 278 -13.43 -9.42 6.46
N ILE B 279 -14.34 -9.70 5.53
CA ILE B 279 -14.99 -8.67 4.74
C ILE B 279 -16.42 -8.53 5.22
N ALA B 280 -16.82 -7.31 5.56
CA ALA B 280 -18.18 -7.04 6.01
C ALA B 280 -19.14 -6.73 4.85
N CYS B 281 -18.68 -6.04 3.80
N CYS B 281 -18.67 -6.06 3.80
CA CYS B 281 -19.58 -5.56 2.75
CA CYS B 281 -19.57 -5.82 2.68
C CYS B 281 -18.77 -5.24 1.49
C CYS B 281 -18.77 -5.33 1.49
N VAL B 282 -19.39 -5.46 0.33
CA VAL B 282 -18.78 -5.14 -0.96
C VAL B 282 -19.77 -4.35 -1.79
N GLN B 283 -19.35 -3.18 -2.28
CA GLN B 283 -20.19 -2.39 -3.17
C GLN B 283 -19.46 -2.15 -4.47
N ILE B 284 -20.19 -2.26 -5.58
CA ILE B 284 -19.67 -2.07 -6.93
C ILE B 284 -20.58 -1.04 -7.59
N THR B 285 -20.00 0.09 -8.00
CA THR B 285 -20.76 1.31 -8.27
C THR B 285 -20.38 1.89 -9.62
N PHE B 286 -21.40 2.33 -10.37
CA PHE B 286 -21.24 2.91 -11.71
C PHE B 286 -22.15 4.13 -11.76
N LYS B 287 -21.55 5.33 -11.70
CA LYS B 287 -22.29 6.58 -11.57
C LYS B 287 -21.90 7.54 -12.70
N GLU B 288 -22.91 8.20 -13.26
CA GLU B 288 -22.76 9.18 -14.33
C GLU B 288 -23.52 10.46 -13.99
N THR B 289 -22.96 11.60 -14.36
CA THR B 289 -23.70 12.85 -14.26
C THR B 289 -24.59 13.09 -15.48
N ILE B 290 -24.22 12.54 -16.63
CA ILE B 290 -25.05 12.73 -17.82
C ILE B 290 -26.33 11.91 -17.70
N GLY B 291 -27.40 12.43 -18.29
CA GLY B 291 -28.64 11.70 -18.43
C GLY B 291 -28.67 11.00 -19.77
N THR B 292 -29.88 10.74 -20.24
CA THR B 292 -30.05 10.02 -21.50
C THR B 292 -29.95 10.92 -22.73
N GLU B 293 -29.73 12.23 -22.52
CA GLU B 293 -29.18 13.13 -23.54
C GLU B 293 -29.97 13.09 -24.85
N GLY B 294 -31.29 13.15 -24.74
CA GLY B 294 -32.13 13.21 -25.91
C GLY B 294 -32.29 11.90 -26.65
N ARG B 295 -31.61 10.83 -26.21
CA ARG B 295 -31.84 9.49 -26.74
C ARG B 295 -32.65 8.64 -25.76
N GLY B 296 -33.53 9.28 -25.00
CA GLY B 296 -34.27 8.58 -23.97
C GLY B 296 -35.14 7.46 -24.52
N GLY B 297 -35.58 7.59 -25.77
CA GLY B 297 -36.36 6.53 -26.37
C GLY B 297 -35.57 5.25 -26.56
N TYR B 298 -34.30 5.37 -26.99
CA TYR B 298 -33.45 4.19 -27.12
C TYR B 298 -33.21 3.54 -25.77
N PHE B 299 -32.94 4.36 -24.75
CA PHE B 299 -32.73 3.84 -23.40
C PHE B 299 -33.99 3.19 -22.86
N ASP B 300 -35.15 3.70 -23.27
CA ASP B 300 -36.41 3.33 -22.61
C ASP B 300 -36.71 1.85 -22.72
N ASN B 301 -36.20 1.17 -23.74
CA ASN B 301 -36.48 -0.25 -23.93
C ASN B 301 -35.37 -1.11 -23.35
N ILE B 302 -34.36 -0.49 -22.73
CA ILE B 302 -33.21 -1.17 -22.13
C ILE B 302 -33.24 -1.05 -20.61
N GLY B 303 -33.23 0.17 -20.09
CA GLY B 303 -33.17 0.40 -18.66
C GLY B 303 -31.77 0.16 -18.11
N ILE B 304 -31.54 0.68 -16.91
CA ILE B 304 -30.21 0.73 -16.31
C ILE B 304 -29.68 -0.66 -15.98
N ILE B 305 -30.56 -1.62 -15.68
CA ILE B 305 -30.09 -2.94 -15.26
C ILE B 305 -29.46 -3.68 -16.44
N ARG B 306 -30.19 -3.79 -17.56
CA ARG B 306 -29.62 -4.39 -18.76
C ARG B 306 -28.46 -3.59 -19.30
N ASP B 307 -28.50 -2.26 -19.14
CA ASP B 307 -27.54 -1.39 -19.80
C ASP B 307 -26.14 -1.56 -19.24
N VAL B 308 -26.00 -1.62 -17.91
CA VAL B 308 -24.66 -1.65 -17.32
C VAL B 308 -24.52 -2.69 -16.20
N MET B 309 -25.63 -3.23 -15.68
CA MET B 309 -25.53 -3.99 -14.42
C MET B 309 -25.39 -5.50 -14.65
N GLN B 310 -26.29 -6.08 -15.46
CA GLN B 310 -26.24 -7.50 -15.81
C GLN B 310 -24.99 -7.83 -16.61
N ASN B 311 -24.42 -6.84 -17.29
CA ASN B 311 -23.23 -7.13 -18.08
C ASN B 311 -21.97 -6.62 -17.39
N HIS B 312 -21.86 -5.31 -17.23
CA HIS B 312 -20.56 -4.76 -16.83
C HIS B 312 -20.28 -4.99 -15.35
N LEU B 313 -21.26 -4.68 -14.47
CA LEU B 313 -20.99 -4.80 -13.04
C LEU B 313 -20.92 -6.26 -12.62
N THR B 314 -21.68 -7.13 -13.29
CA THR B 314 -21.67 -8.55 -12.94
C THR B 314 -20.34 -9.20 -13.31
N GLN B 315 -19.72 -8.78 -14.42
CA GLN B 315 -18.40 -9.31 -14.73
C GLN B 315 -17.37 -8.85 -13.72
N ILE B 316 -17.44 -7.59 -13.28
CA ILE B 316 -16.55 -7.11 -12.21
C ILE B 316 -16.76 -7.94 -10.95
N LEU B 317 -18.03 -8.18 -10.59
N LEU B 317 -18.03 -8.19 -10.62
CA LEU B 317 -18.33 -9.02 -9.44
CA LEU B 317 -18.36 -9.01 -9.45
C LEU B 317 -17.68 -10.40 -9.58
C LEU B 317 -17.76 -10.42 -9.56
N ALA B 318 -17.84 -11.04 -10.74
CA ALA B 318 -17.31 -12.39 -10.90
C ALA B 318 -15.81 -12.42 -10.67
N LEU B 319 -15.09 -11.43 -11.21
CA LEU B 319 -13.64 -11.34 -11.05
C LEU B 319 -13.23 -11.07 -9.60
N LEU B 320 -14.02 -10.23 -8.89
CA LEU B 320 -13.77 -9.94 -7.47
C LEU B 320 -14.02 -11.16 -6.60
N ALA B 321 -15.07 -11.93 -6.89
CA ALA B 321 -15.54 -13.00 -5.99
C ALA B 321 -15.01 -14.39 -6.34
N MET B 322 -14.35 -14.56 -7.46
CA MET B 322 -14.05 -15.90 -7.95
C MET B 322 -13.02 -16.59 -7.04
N GLU B 323 -13.00 -17.91 -7.11
CA GLU B 323 -11.95 -18.68 -6.46
C GLU B 323 -10.68 -18.58 -7.30
N LYS B 324 -9.56 -18.98 -6.72
CA LYS B 324 -8.28 -18.95 -7.39
C LYS B 324 -8.33 -19.78 -8.67
N PRO B 325 -8.01 -19.22 -9.83
CA PRO B 325 -7.98 -20.04 -11.05
C PRO B 325 -6.83 -21.04 -11.02
N ARG B 326 -7.00 -22.14 -11.76
CA ARG B 326 -5.97 -23.18 -11.80
C ARG B 326 -4.67 -22.68 -12.41
N SER B 327 -4.75 -21.71 -13.32
CA SER B 327 -3.58 -21.02 -13.86
C SER B 327 -4.03 -19.62 -14.26
N LEU B 328 -3.12 -18.83 -14.82
CA LEU B 328 -3.50 -17.52 -15.30
C LEU B 328 -3.96 -17.56 -16.77
N ASP B 329 -4.18 -18.75 -17.32
CA ASP B 329 -4.75 -18.87 -18.67
C ASP B 329 -6.16 -18.30 -18.70
N ALA B 330 -6.53 -17.68 -19.82
CA ALA B 330 -7.81 -17.00 -19.91
C ALA B 330 -8.97 -17.92 -19.51
N GLU B 331 -8.97 -19.15 -20.00
CA GLU B 331 -10.13 -20.01 -19.78
C GLU B 331 -10.20 -20.54 -18.36
N CYS B 332 -9.05 -20.66 -17.69
CA CYS B 332 -9.09 -20.98 -16.26
C CYS B 332 -9.79 -19.87 -15.48
N ILE B 333 -9.48 -18.61 -15.82
CA ILE B 333 -10.16 -17.48 -15.19
C ILE B 333 -11.65 -17.49 -15.53
N ARG B 334 -11.98 -17.72 -16.81
CA ARG B 334 -13.39 -17.73 -17.18
C ARG B 334 -14.11 -18.88 -16.50
N ASP B 335 -13.43 -20.02 -16.31
CA ASP B 335 -14.01 -21.10 -15.51
C ASP B 335 -14.42 -20.61 -14.12
N GLU B 336 -13.55 -19.83 -13.49
CA GLU B 336 -13.87 -19.39 -12.12
C GLU B 336 -14.92 -18.29 -12.09
N LYS B 337 -14.94 -17.40 -13.09
CA LYS B 337 -16.04 -16.45 -13.22
C LYS B 337 -17.37 -17.18 -13.25
N VAL B 338 -17.46 -18.23 -14.09
CA VAL B 338 -18.69 -19.01 -14.20
C VAL B 338 -19.04 -19.65 -12.87
N SER B 339 -18.05 -20.23 -12.18
CA SER B 339 -18.35 -20.98 -10.96
C SER B 339 -18.93 -20.09 -9.87
N VAL B 340 -18.37 -18.89 -9.69
CA VAL B 340 -18.91 -18.05 -8.62
C VAL B 340 -20.30 -17.51 -8.99
N LEU B 341 -20.52 -17.15 -10.26
CA LEU B 341 -21.85 -16.66 -10.65
C LEU B 341 -22.93 -17.71 -10.42
N LYS B 342 -22.59 -18.99 -10.52
CA LYS B 342 -23.56 -20.05 -10.27
C LYS B 342 -23.97 -20.14 -8.80
N CYS B 343 -23.22 -19.51 -7.89
CA CYS B 343 -23.58 -19.51 -6.49
C CYS B 343 -24.55 -18.39 -6.10
N ILE B 344 -25.13 -17.66 -7.05
CA ILE B 344 -25.98 -16.49 -6.76
C ILE B 344 -27.44 -16.79 -7.11
N GLU B 345 -28.33 -16.65 -6.13
CA GLU B 345 -29.77 -16.78 -6.41
C GLU B 345 -30.27 -15.59 -7.25
N PRO B 346 -31.31 -15.80 -8.04
CA PRO B 346 -31.94 -14.67 -8.76
C PRO B 346 -32.37 -13.56 -7.82
N ILE B 347 -32.07 -12.32 -8.23
CA ILE B 347 -32.43 -11.14 -7.46
C ILE B 347 -33.93 -10.98 -7.39
N THR B 348 -34.44 -10.66 -6.20
CA THR B 348 -35.86 -10.43 -5.96
C THR B 348 -36.13 -8.94 -5.77
N LYS B 349 -37.39 -8.52 -5.95
CA LYS B 349 -37.66 -7.08 -5.90
C LYS B 349 -37.43 -6.51 -4.50
N GLU B 350 -37.68 -7.26 -3.44
CA GLU B 350 -37.36 -6.72 -2.11
C GLU B 350 -35.87 -6.41 -1.94
N ASN B 351 -35.00 -6.95 -2.80
CA ASN B 351 -33.57 -6.65 -2.76
C ASN B 351 -33.17 -5.63 -3.82
N CYS B 352 -34.09 -4.78 -4.25
CA CYS B 352 -33.80 -3.83 -5.30
C CYS B 352 -34.54 -2.51 -4.99
N VAL B 353 -33.87 -1.37 -5.22
CA VAL B 353 -34.51 -0.06 -5.22
C VAL B 353 -34.25 0.61 -6.58
N LEU B 354 -35.33 1.06 -7.21
CA LEU B 354 -35.26 1.69 -8.53
C LEU B 354 -35.52 3.19 -8.48
N GLY B 355 -34.87 3.92 -9.38
CA GLY B 355 -35.12 5.34 -9.52
C GLY B 355 -35.30 5.73 -10.97
N GLN B 356 -35.89 6.92 -11.16
CA GLN B 356 -36.03 7.56 -12.48
C GLN B 356 -35.87 9.06 -12.30
N TYR B 357 -34.96 9.67 -13.06
CA TYR B 357 -34.53 11.02 -12.71
C TYR B 357 -35.48 12.08 -13.30
N THR B 358 -35.76 13.09 -12.48
CA THR B 358 -36.51 14.28 -12.84
C THR B 358 -35.52 15.42 -13.08
N ALA B 359 -36.05 16.58 -13.47
CA ALA B 359 -35.17 17.69 -13.82
C ALA B 359 -34.31 18.10 -12.63
N SER B 360 -33.08 18.50 -12.91
CA SER B 360 -32.18 18.99 -11.88
C SER B 360 -32.71 20.26 -11.26
N ALA B 361 -32.32 20.51 -10.01
CA ALA B 361 -32.88 21.64 -9.27
C ALA B 361 -32.50 22.98 -9.93
N ASP B 362 -31.39 23.03 -10.66
CA ASP B 362 -30.99 24.27 -11.32
C ASP B 362 -31.52 24.40 -12.74
N GLY B 363 -32.24 23.40 -13.26
CA GLY B 363 -32.82 23.44 -14.59
C GLY B 363 -31.89 23.05 -15.72
N SER B 364 -30.62 22.75 -15.41
N SER B 364 -30.62 22.77 -15.43
CA SER B 364 -29.65 22.42 -16.45
CA SER B 364 -29.68 22.44 -16.50
C SER B 364 -29.95 21.07 -17.09
C SER B 364 -29.91 21.05 -17.10
N ILE B 365 -30.53 20.14 -16.35
CA ILE B 365 -30.81 18.80 -16.87
C ILE B 365 -32.31 18.57 -16.90
N PRO B 366 -32.92 18.44 -18.06
CA PRO B 366 -34.35 18.12 -18.12
C PRO B 366 -34.63 16.72 -17.59
N GLY B 367 -35.84 16.55 -17.06
CA GLY B 367 -36.25 15.25 -16.58
C GLY B 367 -36.25 14.19 -17.67
N TYR B 368 -36.17 12.93 -17.23
CA TYR B 368 -36.19 11.80 -18.15
C TYR B 368 -37.49 11.76 -18.95
N LEU B 369 -38.61 12.06 -18.29
CA LEU B 369 -39.92 12.05 -18.96
C LEU B 369 -40.13 13.28 -19.85
N GLU B 370 -39.33 14.33 -19.68
CA GLU B 370 -39.39 15.50 -20.56
C GLU B 370 -38.79 15.23 -21.93
N ASP B 371 -38.06 14.13 -22.10
CA ASP B 371 -37.58 13.75 -23.42
C ASP B 371 -38.76 13.40 -24.32
N VAL B 372 -38.83 13.99 -25.51
CA VAL B 372 -39.98 13.78 -26.36
C VAL B 372 -40.02 12.37 -26.93
N THR B 373 -38.88 11.68 -26.96
CA THR B 373 -38.83 10.32 -27.47
C THR B 373 -39.18 9.27 -26.42
N VAL B 374 -39.56 9.68 -25.22
CA VAL B 374 -39.84 8.76 -24.12
C VAL B 374 -41.34 8.58 -24.02
N PRO B 375 -41.86 7.35 -24.11
CA PRO B 375 -43.30 7.13 -23.94
C PRO B 375 -43.83 7.76 -22.66
N GLU B 376 -44.96 8.45 -22.77
CA GLU B 376 -45.63 9.01 -21.61
C GLU B 376 -46.00 7.90 -20.64
N GLY B 377 -45.77 8.14 -19.34
CA GLY B 377 -46.03 7.12 -18.35
C GLY B 377 -44.98 6.04 -18.21
N SER B 378 -43.85 6.19 -18.88
CA SER B 378 -42.75 5.24 -18.79
C SER B 378 -42.29 5.06 -17.33
N THR B 379 -42.13 3.81 -16.92
CA THR B 379 -41.55 3.51 -15.62
C THR B 379 -40.15 2.93 -15.76
N CYS B 380 -39.45 3.26 -16.85
CA CYS B 380 -38.12 2.71 -17.08
C CYS B 380 -37.16 3.20 -16.00
N PRO B 381 -36.37 2.32 -15.38
CA PRO B 381 -35.44 2.79 -14.34
C PRO B 381 -34.17 3.37 -14.96
N THR B 382 -33.78 4.57 -14.51
CA THR B 382 -32.47 5.14 -14.81
C THR B 382 -31.47 4.99 -13.64
N PHE B 383 -31.87 4.29 -12.59
CA PHE B 383 -31.06 4.12 -11.38
C PHE B 383 -31.48 2.81 -10.72
N ALA B 384 -30.50 2.06 -10.20
CA ALA B 384 -30.85 0.87 -9.42
C ALA B 384 -29.74 0.54 -8.43
N VAL B 385 -30.17 0.16 -7.23
CA VAL B 385 -29.31 -0.46 -6.24
CA VAL B 385 -29.32 -0.44 -6.21
C VAL B 385 -29.94 -1.79 -5.87
N MET B 386 -29.10 -2.81 -5.68
CA MET B 386 -29.61 -4.15 -5.41
C MET B 386 -28.57 -4.92 -4.61
N ARG B 387 -29.04 -5.93 -3.90
CA ARG B 387 -28.18 -6.85 -3.17
C ARG B 387 -28.20 -8.22 -3.81
N LEU B 388 -27.01 -8.78 -4.03
CA LEU B 388 -26.78 -10.13 -4.52
C LEU B 388 -26.13 -10.95 -3.41
N ASN B 389 -26.57 -12.20 -3.25
CA ASN B 389 -25.95 -13.08 -2.26
C ASN B 389 -25.20 -14.20 -2.96
N ILE B 390 -23.94 -14.37 -2.60
CA ILE B 390 -23.10 -15.44 -3.13
C ILE B 390 -23.09 -16.53 -2.08
N ASN B 391 -23.80 -17.62 -2.34
CA ASN B 391 -23.92 -18.70 -1.36
C ASN B 391 -22.79 -19.72 -1.57
N ASN B 392 -21.64 -19.45 -0.96
CA ASN B 392 -20.58 -20.44 -0.89
C ASN B 392 -19.74 -20.15 0.35
N ASP B 393 -18.72 -20.98 0.57
CA ASP B 393 -17.93 -20.89 1.79
C ASP B 393 -17.22 -19.55 1.90
N ARG B 394 -16.68 -19.06 0.78
CA ARG B 394 -15.89 -17.83 0.86
C ARG B 394 -16.77 -16.62 1.18
N TRP B 395 -18.02 -16.61 0.71
CA TRP B 395 -18.81 -15.37 0.71
C TRP B 395 -20.13 -15.42 1.48
N ALA B 396 -20.57 -16.59 1.95
CA ALA B 396 -21.86 -16.69 2.63
C ALA B 396 -22.03 -15.58 3.67
N GLY B 397 -23.14 -14.87 3.58
CA GLY B 397 -23.42 -13.77 4.47
C GLY B 397 -22.87 -12.41 4.09
N VAL B 398 -21.99 -12.31 3.09
CA VAL B 398 -21.39 -11.04 2.70
C VAL B 398 -22.33 -10.36 1.72
N PRO B 399 -22.88 -9.19 2.04
CA PRO B 399 -23.71 -8.46 1.06
C PRO B 399 -22.85 -7.91 -0.05
N PHE B 400 -23.30 -8.15 -1.28
CA PHE B 400 -22.69 -7.62 -2.48
C PHE B 400 -23.71 -6.66 -3.06
N ILE B 401 -23.38 -5.37 -3.10
CA ILE B 401 -24.32 -4.34 -3.53
C ILE B 401 -23.86 -3.86 -4.91
N LEU B 402 -24.75 -3.91 -5.89
CA LEU B 402 -24.53 -3.28 -7.18
C LEU B 402 -25.35 -1.99 -7.24
N LYS B 403 -24.72 -0.91 -7.67
CA LYS B 403 -25.39 0.38 -7.81
C LYS B 403 -25.00 0.98 -9.15
N ALA B 404 -26.01 1.37 -9.95
CA ALA B 404 -25.73 2.10 -11.18
C ALA B 404 -26.74 3.23 -11.34
N GLY B 405 -26.26 4.38 -11.81
CA GLY B 405 -27.16 5.53 -11.92
C GLY B 405 -26.76 6.54 -12.97
N LYS B 406 -27.76 6.99 -13.75
CA LYS B 406 -27.66 8.12 -14.66
C LYS B 406 -28.10 9.39 -13.93
N ALA B 407 -27.51 10.52 -14.34
CA ALA B 407 -27.93 11.83 -13.84
C ALA B 407 -27.85 11.92 -12.32
N VAL B 408 -26.73 11.46 -11.75
CA VAL B 408 -26.53 11.50 -10.32
C VAL B 408 -25.41 12.49 -10.04
N GLU B 409 -24.92 12.54 -8.79
CA GLU B 409 -24.14 13.68 -8.33
C GLU B 409 -22.69 13.69 -8.81
N GLN B 410 -22.15 12.61 -9.35
CA GLN B 410 -20.75 12.61 -9.78
C GLN B 410 -20.55 11.45 -10.74
N LYS B 411 -19.48 11.55 -11.53
CA LYS B 411 -19.05 10.47 -12.43
C LYS B 411 -18.03 9.63 -11.68
N TYR B 412 -18.33 8.36 -11.49
CA TYR B 412 -17.54 7.56 -10.56
C TYR B 412 -17.85 6.10 -10.79
N VAL B 413 -16.81 5.30 -11.00
CA VAL B 413 -16.92 3.85 -11.12
C VAL B 413 -15.89 3.22 -10.19
N ALA B 414 -16.34 2.49 -9.18
CA ALA B 414 -15.40 1.90 -8.24
C ALA B 414 -15.98 0.67 -7.56
N ILE B 415 -15.05 -0.13 -7.02
CA ILE B 415 -15.32 -1.19 -6.06
C ILE B 415 -14.95 -0.67 -4.68
N ARG B 416 -15.81 -0.86 -3.69
CA ARG B 416 -15.48 -0.50 -2.31
C ARG B 416 -15.71 -1.72 -1.42
N ILE B 417 -14.65 -2.20 -0.79
CA ILE B 417 -14.73 -3.36 0.09
C ILE B 417 -14.57 -2.84 1.51
N GLN B 418 -15.55 -3.11 2.37
CA GLN B 418 -15.41 -2.76 3.78
C GLN B 418 -15.05 -4.01 4.58
N PHE B 419 -13.97 -3.93 5.37
CA PHE B 419 -13.55 -5.04 6.22
C PHE B 419 -14.22 -4.97 7.58
N ARG B 420 -14.40 -6.13 8.20
CA ARG B 420 -14.96 -6.18 9.54
CA ARG B 420 -14.96 -6.18 9.54
C ARG B 420 -14.11 -5.37 10.51
N ASP B 421 -14.77 -4.58 11.35
CA ASP B 421 -14.06 -3.71 12.27
C ASP B 421 -13.30 -4.52 13.32
N GLU B 422 -12.18 -3.99 13.80
CA GLU B 422 -11.49 -4.57 14.95
C GLU B 422 -11.95 -3.77 16.16
N VAL B 423 -12.99 -4.26 16.81
CA VAL B 423 -13.58 -3.57 17.96
C VAL B 423 -12.56 -3.45 19.10
N HIS B 424 -11.79 -4.52 19.36
CA HIS B 424 -10.80 -4.54 20.45
C HIS B 424 -9.39 -4.61 19.89
N PRO B 425 -8.43 -3.89 20.48
CA PRO B 425 -8.63 -3.08 21.69
C PRO B 425 -8.92 -1.59 21.43
N TYR B 426 -8.94 -1.14 20.18
CA TYR B 426 -8.96 0.30 19.93
C TYR B 426 -10.35 0.93 20.06
N GLY B 427 -11.43 0.15 19.93
CA GLY B 427 -12.77 0.68 20.12
C GLY B 427 -13.05 1.85 19.19
N GLU B 428 -13.55 2.95 19.76
CA GLU B 428 -13.89 4.08 18.88
C GLU B 428 -12.67 4.78 18.29
N ALA B 429 -11.45 4.36 18.64
CA ALA B 429 -10.24 4.90 18.00
C ALA B 429 -9.85 4.15 16.72
N THR B 430 -10.66 3.20 16.27
CA THR B 430 -10.48 2.63 14.95
C THR B 430 -11.85 2.47 14.29
N GLN B 431 -11.83 1.98 13.06
CA GLN B 431 -13.04 1.78 12.27
C GLN B 431 -12.71 0.76 11.19
N ARG B 432 -13.74 0.37 10.43
CA ARG B 432 -13.55 -0.60 9.36
C ARG B 432 -12.45 -0.17 8.39
N ASN B 433 -11.49 -1.06 8.14
CA ASN B 433 -10.61 -0.90 7.00
C ASN B 433 -11.43 -0.95 5.69
N GLU B 434 -10.93 -0.30 4.66
CA GLU B 434 -11.57 -0.30 3.35
C GLU B 434 -10.54 -0.58 2.28
N LEU B 435 -10.99 -1.24 1.20
CA LEU B 435 -10.19 -1.33 -0.01
C LEU B 435 -11.02 -0.76 -1.16
N VAL B 436 -10.43 0.18 -1.91
CA VAL B 436 -11.10 0.83 -3.04
C VAL B 436 -10.31 0.54 -4.30
N ILE B 437 -10.99 0.07 -5.35
CA ILE B 437 -10.45 -0.04 -6.69
C ILE B 437 -11.31 0.85 -7.58
N ARG B 438 -10.72 1.91 -8.13
CA ARG B 438 -11.45 2.92 -8.90
C ARG B 438 -10.98 2.92 -10.34
N ALA B 439 -11.95 2.93 -11.28
CA ALA B 439 -11.72 3.08 -12.72
C ALA B 439 -11.99 4.49 -13.23
N GLN B 440 -13.01 5.17 -12.69
CA GLN B 440 -13.45 6.50 -13.15
C GLN B 440 -13.72 7.43 -11.96
N PRO B 441 -13.41 8.74 -12.09
CA PRO B 441 -12.93 9.44 -13.29
C PRO B 441 -11.45 9.24 -13.54
N SER B 442 -10.76 8.57 -12.62
CA SER B 442 -9.36 8.21 -12.85
C SER B 442 -9.07 6.93 -12.08
N GLU B 443 -8.04 6.23 -12.55
CA GLU B 443 -7.64 4.98 -11.91
C GLU B 443 -7.03 5.23 -10.54
N ALA B 444 -7.43 4.41 -9.57
CA ALA B 444 -6.76 4.43 -8.26
C ALA B 444 -7.01 3.10 -7.57
N MET B 445 -6.15 2.79 -6.60
CA MET B 445 -6.38 1.64 -5.77
C MET B 445 -5.65 1.85 -4.45
N TYR B 446 -6.39 1.72 -3.35
CA TYR B 446 -5.82 2.08 -2.06
C TYR B 446 -6.58 1.40 -0.94
N VAL B 447 -5.95 1.29 0.22
CA VAL B 447 -6.66 0.84 1.41
C VAL B 447 -6.78 2.03 2.34
N LYS B 448 -7.87 2.04 3.12
CA LYS B 448 -8.01 2.96 4.25
C LYS B 448 -7.77 2.16 5.52
N ILE B 449 -6.84 2.62 6.35
CA ILE B 449 -6.46 1.92 7.57
C ILE B 449 -6.30 2.94 8.69
N THR B 450 -6.14 2.41 9.91
CA THR B 450 -5.94 3.25 11.09
C THR B 450 -4.46 3.19 11.47
N THR B 451 -3.85 4.37 11.63
CA THR B 451 -2.42 4.43 11.96
C THR B 451 -2.22 5.37 13.14
N LYS B 452 -1.03 5.29 13.74
CA LYS B 452 -0.69 6.23 14.80
C LYS B 452 -0.65 7.65 14.24
N VAL B 453 -0.85 8.63 15.13
CA VAL B 453 -0.63 10.03 14.81
C VAL B 453 0.76 10.43 15.31
N PRO B 454 1.57 11.11 14.49
CA PRO B 454 2.97 11.40 14.84
C PRO B 454 3.17 11.95 16.24
N GLY B 455 4.10 11.33 16.97
CA GLY B 455 4.69 11.84 18.19
C GLY B 455 3.78 12.55 19.17
N LEU B 456 4.31 13.62 19.77
CA LEU B 456 3.54 14.61 20.56
C LEU B 456 2.83 13.92 21.74
N SER B 457 1.73 14.54 22.16
CA SER B 457 0.86 13.99 23.18
C SER B 457 0.38 12.59 22.85
N GLY B 458 0.35 12.25 21.55
CA GLY B 458 -0.44 11.14 21.08
C GLY B 458 -0.09 9.85 21.79
N ASP B 459 -0.96 9.47 22.72
CA ASP B 459 -0.85 8.18 23.34
C ASP B 459 -1.40 7.13 22.38
N LEU B 460 -1.38 5.88 22.84
CA LEU B 460 -1.70 4.76 21.97
C LEU B 460 -3.05 4.94 21.31
N ARG B 461 -4.03 5.49 22.05
CA ARG B 461 -5.41 5.58 21.59
C ARG B 461 -5.66 6.77 20.67
N GLN B 462 -4.63 7.53 20.29
CA GLN B 462 -4.80 8.68 19.40
C GLN B 462 -4.33 8.25 18.01
N THR B 463 -5.28 8.16 17.08
CA THR B 463 -5.04 7.56 15.78
C THR B 463 -5.66 8.46 14.72
N HIS B 464 -5.40 8.15 13.45
CA HIS B 464 -6.27 8.70 12.42
C HIS B 464 -6.34 7.70 11.26
N GLN B 465 -7.30 7.94 10.35
CA GLN B 465 -7.42 7.13 9.15
C GLN B 465 -6.54 7.72 8.07
N THR B 466 -5.79 6.86 7.40
CA THR B 466 -4.97 7.21 6.25
C THR B 466 -5.26 6.28 5.09
N GLU B 467 -4.96 6.76 3.89
CA GLU B 467 -5.11 5.98 2.67
C GLU B 467 -3.73 5.55 2.19
N LEU B 468 -3.51 4.24 2.11
CA LEU B 468 -2.28 3.70 1.58
C LEU B 468 -2.51 3.36 0.12
N ASP B 469 -1.89 4.13 -0.77
CA ASP B 469 -1.87 3.80 -2.18
C ASP B 469 -1.30 2.40 -2.38
N LEU B 470 -1.95 1.62 -3.24
CA LEU B 470 -1.47 0.28 -3.57
C LEU B 470 -0.88 0.18 -4.96
N THR B 471 -0.81 1.28 -5.70
CA THR B 471 -0.43 1.20 -7.10
C THR B 471 1.08 1.42 -7.30
N TYR B 472 1.60 0.80 -8.35
CA TYR B 472 2.98 1.01 -8.78
C TYR B 472 3.10 2.37 -9.46
N HIS B 473 3.99 3.21 -8.96
CA HIS B 473 4.24 4.52 -9.56
C HIS B 473 5.46 4.40 -10.47
N THR B 474 5.25 4.43 -11.77
CA THR B 474 6.34 4.25 -12.69
C THR B 474 7.18 5.53 -12.82
N ARG B 475 8.27 5.41 -13.57
CA ARG B 475 9.24 6.51 -13.66
C ARG B 475 8.66 7.70 -14.44
N TYR B 476 8.12 7.47 -15.64
CA TYR B 476 7.36 8.47 -16.40
C TYR B 476 5.84 8.24 -16.32
N ASP B 477 5.09 9.34 -16.46
CA ASP B 477 3.63 9.26 -16.52
C ASP B 477 3.20 8.36 -17.67
N VAL B 478 2.49 7.28 -17.33
CA VAL B 478 2.05 6.29 -18.30
C VAL B 478 0.68 6.75 -18.81
N ARG B 479 0.64 7.31 -20.02
CA ARG B 479 -0.65 7.61 -20.65
C ARG B 479 -1.10 6.35 -21.38
N LEU B 480 -1.59 5.41 -20.60
CA LEU B 480 -2.06 4.12 -21.04
C LEU B 480 -3.41 4.23 -21.74
N PRO B 481 -3.64 3.40 -22.75
CA PRO B 481 -4.83 3.56 -23.60
C PRO B 481 -6.13 3.29 -22.88
N ASP B 482 -7.23 3.49 -23.60
CA ASP B 482 -8.53 3.27 -23.01
C ASP B 482 -8.84 1.78 -22.94
N ALA B 483 -9.87 1.46 -22.16
CA ALA B 483 -10.34 0.09 -22.03
C ALA B 483 -10.60 -0.55 -23.40
N TYR B 484 -11.27 0.19 -24.29
CA TYR B 484 -11.70 -0.36 -25.57
C TYR B 484 -10.51 -0.85 -26.39
N GLU B 485 -9.45 -0.05 -26.46
CA GLU B 485 -8.31 -0.47 -27.28
C GLU B 485 -7.60 -1.68 -26.68
N SER B 486 -7.51 -1.75 -25.34
CA SER B 486 -6.91 -2.94 -24.72
C SER B 486 -7.71 -4.19 -25.06
N LEU B 487 -9.04 -4.04 -25.14
CA LEU B 487 -9.89 -5.18 -25.51
C LEU B 487 -9.63 -5.64 -26.95
N ILE B 488 -9.56 -4.70 -27.89
CA ILE B 488 -9.26 -5.09 -29.26
C ILE B 488 -7.88 -5.73 -29.34
N ASN B 489 -6.91 -5.19 -28.60
CA ASN B 489 -5.59 -5.81 -28.54
C ASN B 489 -5.67 -7.23 -27.97
N ASP B 490 -6.46 -7.41 -26.90
CA ASP B 490 -6.63 -8.75 -26.32
C ASP B 490 -7.19 -9.73 -27.37
N ALA B 491 -8.20 -9.33 -28.13
CA ALA B 491 -8.73 -10.24 -29.16
C ALA B 491 -7.64 -10.57 -30.18
N LEU B 492 -6.86 -9.56 -30.58
CA LEU B 492 -5.79 -9.79 -31.56
C LEU B 492 -4.75 -10.77 -31.03
N LEU B 493 -4.45 -10.70 -29.72
CA LEU B 493 -3.50 -11.60 -29.08
C LEU B 493 -4.13 -12.92 -28.64
N GLY B 494 -5.44 -13.08 -28.77
CA GLY B 494 -6.02 -14.36 -28.40
C GLY B 494 -6.29 -14.53 -26.93
N ASN B 495 -6.52 -13.44 -26.21
CA ASN B 495 -6.74 -13.47 -24.77
C ASN B 495 -8.21 -13.15 -24.47
N SER B 496 -9.00 -14.16 -24.13
CA SER B 496 -10.43 -13.95 -23.91
C SER B 496 -10.81 -13.60 -22.47
N THR B 497 -9.85 -13.25 -21.60
CA THR B 497 -10.15 -13.10 -20.17
C THR B 497 -11.30 -12.15 -19.92
N ASN B 498 -11.22 -10.94 -20.47
CA ASN B 498 -12.24 -9.93 -20.23
C ASN B 498 -13.49 -10.07 -21.13
N PHE B 499 -13.70 -11.19 -21.82
CA PHE B 499 -14.87 -11.36 -22.68
C PHE B 499 -15.82 -12.40 -22.09
N VAL B 500 -17.13 -12.13 -22.16
CA VAL B 500 -18.08 -13.00 -21.48
CA VAL B 500 -18.11 -12.99 -21.49
C VAL B 500 -18.27 -14.28 -22.28
N ARG B 501 -18.12 -15.42 -21.60
CA ARG B 501 -18.24 -16.71 -22.22
C ARG B 501 -19.70 -17.14 -22.28
N LYS B 502 -20.00 -18.07 -23.20
CA LYS B 502 -21.39 -18.46 -23.45
C LYS B 502 -22.07 -18.98 -22.19
N ASP B 503 -21.38 -19.85 -21.42
CA ASP B 503 -21.98 -20.36 -20.18
C ASP B 503 -22.08 -19.25 -19.13
N GLU B 504 -21.07 -18.39 -19.06
CA GLU B 504 -21.08 -17.25 -18.13
C GLU B 504 -22.24 -16.30 -18.44
N LEU B 505 -22.48 -16.04 -19.72
CA LEU B 505 -23.57 -15.15 -20.13
C LEU B 505 -24.92 -15.70 -19.68
N ASP B 506 -25.14 -17.00 -19.85
CA ASP B 506 -26.40 -17.61 -19.45
C ASP B 506 -26.59 -17.56 -17.93
N VAL B 507 -25.53 -17.79 -17.16
CA VAL B 507 -25.69 -17.76 -15.72
C VAL B 507 -26.05 -16.35 -15.27
N ALA B 508 -25.39 -15.34 -15.87
CA ALA B 508 -25.64 -13.95 -15.51
C ALA B 508 -27.07 -13.53 -15.86
N TRP B 509 -27.57 -13.91 -17.05
CA TRP B 509 -28.96 -13.57 -17.37
C TRP B 509 -29.93 -14.21 -16.38
N ARG B 510 -29.63 -15.44 -15.92
CA ARG B 510 -30.54 -16.10 -14.98
C ARG B 510 -30.55 -15.42 -13.61
N ILE B 511 -29.47 -14.74 -13.24
CA ILE B 511 -29.49 -13.94 -12.01
C ILE B 511 -30.46 -12.76 -12.12
N PHE B 512 -30.61 -12.18 -13.32
CA PHE B 512 -31.30 -10.90 -13.46
C PHE B 512 -32.68 -10.98 -14.11
N THR B 513 -32.97 -12.03 -14.85
CA THR B 513 -34.20 -12.09 -15.66
C THR B 513 -35.47 -12.10 -14.82
N PRO B 514 -35.58 -12.87 -13.72
CA PRO B 514 -36.83 -12.78 -12.94
C PRO B 514 -37.11 -11.35 -12.46
N LEU B 515 -36.09 -10.59 -12.10
CA LEU B 515 -36.33 -9.20 -11.71
C LEU B 515 -36.76 -8.35 -12.89
N LEU B 516 -36.10 -8.51 -14.04
CA LEU B 516 -36.50 -7.77 -15.24
C LEU B 516 -37.93 -8.08 -15.65
N HIS B 517 -38.38 -9.33 -15.44
CA HIS B 517 -39.79 -9.67 -15.71
C HIS B 517 -40.73 -8.94 -14.76
N GLN B 518 -40.40 -8.93 -13.46
CA GLN B 518 -41.20 -8.21 -12.46
C GLN B 518 -41.27 -6.72 -12.80
N ILE B 519 -40.17 -6.14 -13.25
CA ILE B 519 -40.15 -4.74 -13.67
C ILE B 519 -41.08 -4.54 -14.87
N ASP B 520 -40.94 -5.39 -15.89
CA ASP B 520 -41.79 -5.27 -17.08
C ASP B 520 -43.26 -5.58 -16.78
N SER B 521 -43.55 -6.29 -15.68
CA SER B 521 -44.92 -6.52 -15.23
C SER B 521 -45.46 -5.43 -14.31
N GLY B 522 -44.71 -4.35 -14.09
CA GLY B 522 -45.18 -3.25 -13.26
C GLY B 522 -45.05 -3.47 -11.77
N GLU B 523 -44.45 -4.58 -11.33
CA GLU B 523 -44.45 -4.94 -9.92
C GLU B 523 -43.53 -4.07 -9.07
N ILE B 524 -42.61 -3.32 -9.69
CA ILE B 524 -41.73 -2.41 -8.97
C ILE B 524 -41.51 -1.21 -9.87
N LYS B 525 -41.71 -0.01 -9.31
CA LYS B 525 -41.90 1.19 -10.09
C LYS B 525 -40.95 2.25 -9.57
N PRO B 526 -40.22 2.95 -10.44
CA PRO B 526 -39.08 3.75 -9.98
C PRO B 526 -39.51 4.94 -9.13
N ILE B 527 -38.68 5.24 -8.14
CA ILE B 527 -38.85 6.41 -7.28
C ILE B 527 -38.22 7.59 -7.99
N PRO B 528 -38.90 8.73 -8.08
CA PRO B 528 -38.27 9.91 -8.70
C PRO B 528 -37.13 10.46 -7.85
N TYR B 529 -36.14 11.03 -8.54
CA TYR B 529 -35.03 11.75 -7.92
C TYR B 529 -34.54 12.81 -8.90
N GLN B 530 -34.24 14.00 -8.39
CA GLN B 530 -33.79 15.08 -9.27
C GLN B 530 -32.41 14.78 -9.81
N ALA B 531 -32.21 15.05 -11.10
CA ALA B 531 -30.88 14.86 -11.68
C ALA B 531 -29.87 15.68 -10.89
N GLY B 532 -28.70 15.09 -10.63
CA GLY B 532 -27.67 15.76 -9.86
C GLY B 532 -27.65 15.45 -8.38
N THR B 533 -28.71 14.84 -7.84
CA THR B 533 -28.67 14.30 -6.48
C THR B 533 -28.05 12.90 -6.48
N ARG B 534 -27.93 12.29 -5.30
CA ARG B 534 -27.37 10.95 -5.22
C ARG B 534 -28.31 9.89 -5.80
N GLY B 535 -29.62 10.18 -5.88
CA GLY B 535 -30.61 9.20 -6.24
C GLY B 535 -31.73 9.17 -5.21
N PRO B 536 -32.64 8.20 -5.30
CA PRO B 536 -33.70 8.12 -4.30
C PRO B 536 -33.11 7.94 -2.91
N LYS B 537 -33.73 8.59 -1.92
CA LYS B 537 -33.19 8.49 -0.56
C LYS B 537 -33.37 7.08 -0.02
N GLU B 538 -34.43 6.39 -0.49
CA GLU B 538 -34.64 4.97 -0.20
C GLU B 538 -33.45 4.12 -0.63
N ALA B 539 -32.69 4.56 -1.64
CA ALA B 539 -31.52 3.78 -2.05
C ALA B 539 -30.41 3.85 -1.01
N ASP B 540 -30.13 5.04 -0.46
CA ASP B 540 -29.11 5.12 0.57
C ASP B 540 -29.55 4.43 1.84
N GLU B 541 -30.86 4.46 2.14
CA GLU B 541 -31.38 3.70 3.25
C GLU B 541 -31.16 2.20 3.02
N PHE B 542 -31.45 1.71 1.80
CA PHE B 542 -31.21 0.31 1.44
C PHE B 542 -29.75 -0.10 1.67
N ILE B 543 -28.82 0.75 1.26
CA ILE B 543 -27.39 0.44 1.46
C ILE B 543 -27.05 0.39 2.95
N ALA B 544 -27.55 1.37 3.73
CA ALA B 544 -27.36 1.37 5.19
C ALA B 544 -27.97 0.15 5.84
N ASN B 545 -29.07 -0.36 5.28
CA ASN B 545 -29.72 -1.53 5.84
C ASN B 545 -29.06 -2.83 5.44
N ASN B 546 -28.09 -2.80 4.53
CA ASN B 546 -27.50 -4.03 4.01
C ASN B 546 -26.00 -4.07 4.21
N GLY B 547 -25.53 -3.65 5.40
CA GLY B 547 -24.19 -3.94 5.88
C GLY B 547 -23.17 -2.82 5.75
N PHE B 548 -23.48 -1.77 4.99
CA PHE B 548 -22.54 -0.65 4.82
C PHE B 548 -22.54 0.22 6.07
N LYS B 549 -21.37 0.74 6.44
CA LYS B 549 -21.25 1.67 7.55
C LYS B 549 -20.52 2.92 7.08
N HIS B 550 -21.08 4.09 7.40
CA HIS B 550 -20.40 5.36 7.10
C HIS B 550 -19.13 5.51 7.91
N GLN B 551 -18.15 6.15 7.29
CA GLN B 551 -16.80 6.31 7.84
C GLN B 551 -16.75 7.34 8.97
#